data_2GMG
#
_entry.id   2GMG
#
_cell.length_a   1.000
_cell.length_b   1.000
_cell.length_c   1.000
_cell.angle_alpha   90.00
_cell.angle_beta   90.00
_cell.angle_gamma   90.00
#
_symmetry.space_group_name_H-M   'P 1'
#
_entity_poly.entity_id   1
_entity_poly.type   'polypeptide(L)'
_entity_poly.pdbx_seq_one_letter_code
;AHHHHHHGSATRREKIIELLLEGDYSPSELARILDMRGKGSKKVILEDLKVISKIAKREGMVLLIKPAQCRKCGFVFKAE
INIPSRCPKCKSEWIEEPRFKLERK
;
_entity_poly.pdbx_strand_id   A
#
# COMPACT_ATOMS: atom_id res chain seq x y z
N ALA A 1 21.38 -22.95 -19.15
CA ALA A 1 19.93 -22.82 -19.50
C ALA A 1 19.13 -21.92 -18.51
N HIS A 2 19.50 -21.95 -17.18
CA HIS A 2 18.84 -21.15 -16.11
C HIS A 2 19.81 -20.08 -15.57
N HIS A 3 19.24 -18.84 -15.42
CA HIS A 3 19.95 -17.64 -14.90
C HIS A 3 19.36 -17.20 -13.56
N HIS A 4 20.30 -16.87 -12.61
CA HIS A 4 19.99 -16.42 -11.24
C HIS A 4 20.14 -14.90 -11.10
N HIS A 5 19.05 -14.26 -10.57
CA HIS A 5 18.95 -12.81 -10.35
C HIS A 5 18.93 -12.49 -8.85
N HIS A 6 19.68 -11.39 -8.48
CA HIS A 6 19.81 -10.90 -7.09
C HIS A 6 18.88 -9.70 -6.81
N HIS A 7 18.15 -9.83 -5.65
CA HIS A 7 17.17 -8.84 -5.18
C HIS A 7 17.72 -8.03 -3.99
N GLY A 8 17.63 -6.68 -4.16
CA GLY A 8 18.06 -5.70 -3.14
C GLY A 8 16.91 -4.92 -2.54
N SER A 9 17.26 -4.04 -1.56
CA SER A 9 16.31 -3.11 -0.84
C SER A 9 15.98 -1.81 -1.62
N ALA A 10 16.98 -1.31 -2.44
CA ALA A 10 16.89 -0.09 -3.31
C ALA A 10 16.07 -0.31 -4.63
N THR A 11 16.18 -1.54 -5.26
CA THR A 11 15.44 -1.97 -6.52
C THR A 11 13.97 -2.40 -6.23
N ARG A 12 13.79 -3.22 -5.11
CA ARG A 12 12.44 -3.72 -4.60
C ARG A 12 11.38 -2.57 -4.40
N ARG A 13 11.87 -1.36 -3.88
CA ARG A 13 11.07 -0.07 -3.71
C ARG A 13 10.76 0.60 -5.10
N GLU A 14 11.80 0.53 -6.03
CA GLU A 14 11.73 0.99 -7.47
C GLU A 14 10.63 0.20 -8.29
N LYS A 15 10.46 -1.14 -7.90
CA LYS A 15 9.42 -2.11 -8.43
C LYS A 15 7.96 -1.80 -7.96
N ILE A 16 7.80 -1.29 -6.65
CA ILE A 16 6.47 -0.82 -6.00
C ILE A 16 5.87 0.37 -6.88
N ILE A 17 6.76 1.37 -7.18
CA ILE A 17 6.49 2.60 -8.02
C ILE A 17 6.38 2.31 -9.58
N GLU A 18 6.63 0.99 -9.99
CA GLU A 18 6.64 0.51 -11.39
C GLU A 18 5.27 -0.14 -11.80
N LEU A 19 4.64 -0.98 -10.86
CA LEU A 19 3.31 -1.65 -11.07
C LEU A 19 2.07 -0.75 -10.71
N LEU A 20 2.26 0.12 -9.63
CA LEU A 20 1.24 1.06 -9.07
C LEU A 20 0.87 2.30 -9.96
N LEU A 21 1.69 2.58 -11.08
CA LEU A 21 1.52 3.64 -12.10
C LEU A 21 0.61 3.21 -13.30
N GLU A 22 0.52 1.85 -13.52
CA GLU A 22 -0.31 1.19 -14.58
C GLU A 22 -1.72 0.75 -14.05
N GLY A 23 -1.79 0.43 -12.70
CA GLY A 23 -3.03 0.01 -12.01
C GLY A 23 -3.06 0.35 -10.52
N ASP A 24 -4.06 -0.21 -9.82
CA ASP A 24 -4.28 -0.06 -8.35
C ASP A 24 -4.29 -1.45 -7.69
N TYR A 25 -3.45 -1.61 -6.63
CA TYR A 25 -3.28 -2.86 -5.83
C TYR A 25 -3.23 -2.51 -4.35
N SER A 26 -3.88 -3.39 -3.53
CA SER A 26 -3.99 -3.31 -2.03
C SER A 26 -2.64 -3.72 -1.33
N PRO A 27 -2.28 -3.33 0.04
CA PRO A 27 -0.95 -3.74 0.70
C PRO A 27 -0.61 -5.27 0.61
N SER A 28 -1.62 -6.17 0.94
CA SER A 28 -1.55 -7.66 0.79
C SER A 28 -1.34 -8.15 -0.71
N GLU A 29 -1.95 -7.37 -1.72
CA GLU A 29 -1.85 -7.60 -3.21
C GLU A 29 -0.40 -7.24 -3.76
N LEU A 30 0.19 -6.17 -3.12
CA LEU A 30 1.64 -5.75 -3.33
C LEU A 30 2.73 -6.78 -2.75
N ALA A 31 2.20 -7.85 -2.07
CA ALA A 31 2.93 -9.00 -1.52
C ALA A 31 2.78 -10.28 -2.37
N ARG A 32 1.58 -10.43 -3.11
CA ARG A 32 1.26 -11.58 -4.02
C ARG A 32 2.18 -11.61 -5.32
N ILE A 33 2.38 -10.38 -5.92
CA ILE A 33 3.29 -10.09 -7.08
C ILE A 33 4.78 -9.86 -6.50
N LEU A 34 5.52 -10.98 -6.13
CA LEU A 34 6.92 -11.08 -5.46
C LEU A 34 7.05 -12.44 -4.64
N ASP A 35 8.06 -12.45 -3.67
CA ASP A 35 8.33 -13.52 -2.69
C ASP A 35 7.88 -13.03 -1.29
N MET A 36 6.92 -13.79 -0.67
CA MET A 36 6.32 -13.52 0.69
C MET A 36 7.17 -14.00 1.90
N ARG A 37 7.97 -15.16 1.71
CA ARG A 37 8.92 -15.83 2.72
C ARG A 37 8.17 -16.41 3.98
N GLY A 38 7.71 -15.47 4.90
CA GLY A 38 6.99 -15.79 6.12
C GLY A 38 5.85 -14.81 6.34
N LYS A 39 5.89 -14.12 7.52
CA LYS A 39 4.87 -13.11 7.91
C LYS A 39 5.49 -11.71 8.08
N GLY A 40 4.73 -10.68 7.60
CA GLY A 40 5.14 -9.27 7.66
C GLY A 40 5.24 -8.66 6.29
N SER A 41 4.04 -8.27 5.77
CA SER A 41 3.86 -7.64 4.43
C SER A 41 3.09 -6.29 4.50
N LYS A 42 2.09 -6.16 5.46
CA LYS A 42 1.20 -4.95 5.66
C LYS A 42 1.91 -3.68 6.27
N LYS A 43 2.60 -3.85 7.47
CA LYS A 43 3.37 -2.78 8.21
C LYS A 43 4.72 -2.35 7.51
N VAL A 44 5.38 -3.38 6.86
CA VAL A 44 6.70 -3.25 6.06
C VAL A 44 6.47 -2.35 4.75
N ILE A 45 5.35 -2.68 4.00
CA ILE A 45 4.94 -1.94 2.72
C ILE A 45 4.41 -0.46 3.02
N LEU A 46 3.64 -0.30 4.17
CA LEU A 46 3.07 0.98 4.71
C LEU A 46 4.13 2.00 5.21
N GLU A 47 5.28 1.48 5.82
CA GLU A 47 6.49 2.29 6.23
C GLU A 47 7.36 2.66 4.98
N ASP A 48 7.31 1.74 3.91
CA ASP A 48 7.90 1.94 2.52
C ASP A 48 7.19 3.11 1.74
N LEU A 49 5.82 3.25 2.01
CA LEU A 49 4.91 4.35 1.49
C LEU A 49 5.26 5.76 2.05
N LYS A 50 5.69 5.77 3.38
CA LYS A 50 6.19 7.00 4.15
C LYS A 50 7.52 7.59 3.53
N VAL A 51 8.41 6.65 3.02
CA VAL A 51 9.73 6.94 2.31
C VAL A 51 9.43 7.40 0.81
N ILE A 52 8.42 6.72 0.11
CA ILE A 52 7.94 7.02 -1.31
C ILE A 52 7.19 8.43 -1.37
N SER A 53 6.27 8.71 -0.38
CA SER A 53 5.43 10.00 -0.25
C SER A 53 6.24 11.33 -0.20
N LYS A 54 7.50 11.25 0.39
CA LYS A 54 8.51 12.37 0.49
C LYS A 54 9.28 12.66 -0.85
N ILE A 55 9.61 11.55 -1.61
CA ILE A 55 10.34 11.59 -2.95
C ILE A 55 9.40 11.85 -4.17
N ALA A 56 8.12 11.26 -4.08
CA ALA A 56 7.00 11.39 -5.09
C ALA A 56 6.47 12.85 -5.32
N LYS A 57 6.50 13.70 -4.23
CA LYS A 57 6.02 15.14 -4.23
C LYS A 57 7.12 16.12 -4.80
N ARG A 58 8.41 15.66 -4.62
CA ARG A 58 9.69 16.29 -5.16
C ARG A 58 9.89 16.04 -6.70
N GLU A 59 9.35 14.86 -7.18
CA GLU A 59 9.35 14.43 -8.63
C GLU A 59 8.09 14.99 -9.42
N GLY A 60 7.30 15.87 -8.69
CA GLY A 60 6.07 16.54 -9.17
C GLY A 60 4.86 15.61 -9.44
N MET A 61 4.73 14.47 -8.66
CA MET A 61 3.71 13.42 -8.78
C MET A 61 2.80 13.40 -7.53
N VAL A 62 1.49 13.12 -7.77
CA VAL A 62 0.44 13.09 -6.72
C VAL A 62 -0.13 11.68 -6.52
N LEU A 63 -0.10 11.23 -5.21
CA LEU A 63 -0.63 9.91 -4.77
C LEU A 63 -2.04 10.11 -4.19
N LEU A 64 -3.00 9.34 -4.81
CA LEU A 64 -4.41 9.32 -4.42
C LEU A 64 -4.73 8.03 -3.68
N ILE A 65 -5.23 8.24 -2.44
CA ILE A 65 -5.63 7.18 -1.48
C ILE A 65 -7.16 7.23 -1.35
N LYS A 66 -7.79 6.04 -1.58
CA LYS A 66 -9.27 5.85 -1.52
C LYS A 66 -9.72 5.64 -0.02
N PRO A 67 -10.82 6.39 0.55
CA PRO A 67 -11.22 6.28 2.01
C PRO A 67 -11.69 4.89 2.49
N ALA A 68 -10.99 4.41 3.59
CA ALA A 68 -11.29 3.12 4.28
C ALA A 68 -12.68 3.19 4.96
N GLN A 69 -13.48 2.08 4.92
CA GLN A 69 -14.89 2.08 5.40
C GLN A 69 -15.28 0.81 6.19
N CYS A 70 -16.28 1.00 7.12
CA CYS A 70 -16.96 -0.08 7.88
C CYS A 70 -18.14 -0.58 6.99
N ARG A 71 -18.01 -1.88 6.60
CA ARG A 71 -18.92 -2.62 5.67
C ARG A 71 -20.20 -3.23 6.33
N LYS A 72 -20.23 -3.23 7.71
CA LYS A 72 -21.33 -3.78 8.55
C LYS A 72 -22.43 -2.72 8.90
N CYS A 73 -21.97 -1.49 9.32
CA CYS A 73 -22.85 -0.35 9.68
C CYS A 73 -23.08 0.68 8.54
N GLY A 74 -22.14 0.70 7.53
CA GLY A 74 -22.17 1.68 6.41
C GLY A 74 -21.29 2.91 6.64
N PHE A 75 -20.92 3.14 7.98
CA PHE A 75 -20.05 4.28 8.46
C PHE A 75 -18.71 4.36 7.67
N VAL A 76 -18.41 5.59 7.23
CA VAL A 76 -17.22 5.89 6.38
C VAL A 76 -16.16 6.64 7.19
N PHE A 77 -14.94 6.03 7.19
CA PHE A 77 -13.74 6.58 7.88
C PHE A 77 -12.83 7.33 6.89
N LYS A 78 -12.15 8.40 7.43
CA LYS A 78 -11.18 9.25 6.67
C LYS A 78 -9.92 8.47 6.22
N ALA A 79 -9.42 8.75 4.94
CA ALA A 79 -8.22 8.08 4.29
C ALA A 79 -6.97 8.12 5.19
N GLU A 80 -6.48 6.89 5.52
CA GLU A 80 -5.39 6.65 6.49
C GLU A 80 -4.26 5.79 5.89
N ILE A 81 -3.12 5.86 6.62
CA ILE A 81 -1.90 5.10 6.29
C ILE A 81 -1.86 3.85 7.22
N ASN A 82 -1.29 3.98 8.48
CA ASN A 82 -1.28 2.87 9.53
C ASN A 82 -2.76 2.45 9.89
N ILE A 83 -3.01 1.10 10.06
CA ILE A 83 -4.38 0.55 10.24
C ILE A 83 -4.83 0.32 11.74
N PRO A 84 -6.11 0.79 12.22
CA PRO A 84 -6.65 0.45 13.58
C PRO A 84 -7.15 -1.04 13.68
N SER A 85 -6.94 -1.68 14.86
CA SER A 85 -7.39 -3.10 15.11
C SER A 85 -8.92 -3.23 15.48
N ARG A 86 -9.47 -2.04 15.95
CA ARG A 86 -10.90 -1.80 16.37
C ARG A 86 -11.35 -0.38 16.00
N CYS A 87 -12.69 -0.21 15.69
CA CYS A 87 -13.37 1.09 15.37
C CYS A 87 -13.57 2.03 16.65
N PRO A 88 -13.12 3.42 16.68
CA PRO A 88 -13.32 4.33 17.89
C PRO A 88 -14.81 4.73 18.26
N LYS A 89 -15.71 4.60 17.23
CA LYS A 89 -17.14 4.91 17.30
C LYS A 89 -18.02 3.66 17.65
N CYS A 90 -17.92 2.55 16.81
CA CYS A 90 -18.68 1.30 17.00
C CYS A 90 -17.83 0.18 17.74
N LYS A 91 -17.77 -1.09 17.18
CA LYS A 91 -17.06 -2.30 17.79
C LYS A 91 -16.53 -3.28 16.71
N SER A 92 -17.01 -3.13 15.41
CA SER A 92 -16.69 -3.96 14.24
C SER A 92 -15.21 -3.93 13.77
N GLU A 93 -14.77 -5.19 13.50
CA GLU A 93 -13.40 -5.48 12.98
C GLU A 93 -13.39 -5.65 11.41
N TRP A 94 -14.57 -5.30 10.78
CA TRP A 94 -14.83 -5.37 9.32
C TRP A 94 -14.64 -3.97 8.70
N ILE A 95 -13.36 -3.73 8.37
CA ILE A 95 -12.86 -2.50 7.73
C ILE A 95 -12.20 -2.93 6.39
N GLU A 96 -12.56 -2.14 5.32
CA GLU A 96 -12.03 -2.30 3.94
C GLU A 96 -10.71 -1.50 3.82
N GLU A 97 -9.64 -2.16 3.25
CA GLU A 97 -8.27 -1.60 3.11
C GLU A 97 -8.14 -0.48 2.02
N PRO A 98 -7.46 0.79 2.30
CA PRO A 98 -7.31 1.90 1.28
C PRO A 98 -6.51 1.51 -0.01
N ARG A 99 -6.76 2.23 -1.16
CA ARG A 99 -6.11 1.95 -2.45
C ARG A 99 -5.10 3.07 -2.76
N PHE A 100 -3.88 2.62 -3.15
CA PHE A 100 -2.74 3.50 -3.45
C PHE A 100 -2.47 3.51 -4.96
N LYS A 101 -2.47 4.75 -5.52
CA LYS A 101 -2.25 5.05 -6.97
C LYS A 101 -1.34 6.29 -7.14
N LEU A 102 -0.56 6.28 -8.26
CA LEU A 102 0.35 7.36 -8.66
C LEU A 102 -0.10 7.97 -9.98
N GLU A 103 -0.28 9.32 -9.96
CA GLU A 103 -0.71 10.10 -11.12
C GLU A 103 0.34 11.14 -11.51
N ARG A 104 0.64 11.15 -12.84
CA ARG A 104 1.62 12.08 -13.46
C ARG A 104 0.91 13.29 -14.12
N LYS A 105 1.23 14.61 -13.53
CA LYS A 105 0.69 16.04 -13.96
C LYS A 105 1.86 16.98 -14.61
N ALA A 1 25.81 -15.89 -16.55
CA ALA A 1 25.93 -17.38 -16.45
C ALA A 1 27.04 -17.82 -15.48
N HIS A 2 28.15 -17.01 -15.42
CA HIS A 2 29.28 -17.28 -14.53
C HIS A 2 29.31 -16.36 -13.32
N HIS A 3 28.85 -15.08 -13.53
CA HIS A 3 28.82 -14.06 -12.49
C HIS A 3 27.39 -13.68 -12.16
N HIS A 4 27.07 -13.73 -10.85
CA HIS A 4 25.73 -13.39 -10.34
C HIS A 4 25.80 -12.25 -9.36
N HIS A 5 24.81 -11.36 -9.46
CA HIS A 5 24.68 -10.15 -8.61
C HIS A 5 23.58 -10.26 -7.64
N HIS A 6 22.38 -10.89 -8.10
CA HIS A 6 21.15 -11.17 -7.26
C HIS A 6 20.52 -9.86 -6.73
N HIS A 7 19.29 -9.62 -7.17
CA HIS A 7 18.54 -8.42 -6.74
C HIS A 7 17.32 -8.83 -5.94
N GLY A 8 17.11 -8.14 -4.81
CA GLY A 8 15.98 -8.45 -3.94
C GLY A 8 15.33 -7.27 -3.33
N SER A 9 16.14 -6.47 -2.57
CA SER A 9 15.66 -5.25 -1.88
C SER A 9 15.55 -4.01 -2.79
N ALA A 10 16.42 -3.96 -3.86
CA ALA A 10 16.43 -2.89 -4.86
C ALA A 10 15.32 -3.00 -5.93
N THR A 11 14.96 -4.27 -6.27
CA THR A 11 13.92 -4.61 -7.27
C THR A 11 12.50 -4.61 -6.75
N ARG A 12 12.41 -4.88 -5.37
CA ARG A 12 11.10 -4.92 -4.66
C ARG A 12 10.35 -3.60 -4.65
N ARG A 13 11.17 -2.50 -4.37
CA ARG A 13 10.67 -1.12 -4.34
C ARG A 13 10.29 -0.57 -5.73
N GLU A 14 11.14 -0.95 -6.74
CA GLU A 14 10.92 -0.61 -8.15
C GLU A 14 9.66 -1.29 -8.72
N LYS A 15 9.41 -2.58 -8.26
CA LYS A 15 8.24 -3.38 -8.65
C LYS A 15 6.92 -2.83 -8.13
N ILE A 16 6.99 -2.17 -6.92
CA ILE A 16 5.82 -1.52 -6.28
C ILE A 16 5.31 -0.33 -7.12
N ILE A 17 6.24 0.52 -7.53
CA ILE A 17 5.96 1.73 -8.34
C ILE A 17 5.70 1.42 -9.87
N GLU A 18 5.79 0.07 -10.20
CA GLU A 18 5.63 -0.42 -11.56
C GLU A 18 4.23 -0.95 -11.89
N LEU A 19 3.67 -1.78 -10.96
CA LEU A 19 2.34 -2.36 -11.12
C LEU A 19 1.22 -1.47 -10.61
N LEU A 20 1.57 -0.60 -9.57
CA LEU A 20 0.63 0.32 -8.91
C LEU A 20 0.24 1.54 -9.75
N LEU A 21 0.98 1.74 -10.95
CA LEU A 21 0.74 2.83 -11.89
C LEU A 21 -0.30 2.44 -12.96
N GLU A 22 -0.60 1.09 -13.02
CA GLU A 22 -1.58 0.54 -13.95
C GLU A 22 -2.94 0.22 -13.30
N GLY A 23 -2.93 -0.04 -11.97
CA GLY A 23 -4.14 -0.33 -11.25
C GLY A 23 -3.97 -0.18 -9.78
N ASP A 24 -4.94 -0.72 -9.02
CA ASP A 24 -4.91 -0.66 -7.56
C ASP A 24 -4.87 -2.06 -7.00
N TYR A 25 -3.98 -2.26 -6.01
CA TYR A 25 -3.80 -3.54 -5.35
C TYR A 25 -3.55 -3.34 -3.92
N SER A 26 -4.10 -4.27 -3.10
CA SER A 26 -3.94 -4.28 -1.68
C SER A 26 -2.51 -4.77 -1.30
N PRO A 27 -1.92 -4.38 -0.06
CA PRO A 27 -0.56 -4.86 0.38
C PRO A 27 -0.35 -6.40 0.37
N SER A 28 -1.43 -7.16 0.79
CA SER A 28 -1.46 -8.65 0.72
C SER A 28 -1.52 -9.17 -0.73
N GLU A 29 -2.15 -8.30 -1.63
CA GLU A 29 -2.30 -8.57 -3.07
C GLU A 29 -0.98 -8.38 -3.87
N LEU A 30 -0.21 -7.36 -3.41
CA LEU A 30 1.09 -7.04 -4.01
C LEU A 30 2.03 -8.16 -3.75
N ALA A 31 2.37 -8.42 -2.43
CA ALA A 31 3.18 -9.57 -1.96
C ALA A 31 2.69 -10.96 -2.50
N ARG A 32 1.35 -11.02 -2.97
CA ARG A 32 0.73 -12.17 -3.65
C ARG A 32 1.26 -12.33 -5.11
N ILE A 33 1.32 -11.16 -5.83
CA ILE A 33 1.92 -11.08 -7.19
C ILE A 33 3.49 -10.91 -7.00
N LEU A 34 4.18 -12.00 -6.84
CA LEU A 34 5.63 -11.97 -6.53
C LEU A 34 6.23 -13.35 -6.62
N ASP A 35 7.56 -13.38 -6.44
CA ASP A 35 8.34 -14.62 -6.37
C ASP A 35 8.65 -15.03 -4.89
N MET A 36 8.24 -14.14 -3.93
CA MET A 36 8.48 -14.34 -2.50
C MET A 36 7.20 -14.62 -1.75
N ARG A 37 7.31 -15.50 -0.73
CA ARG A 37 6.18 -15.87 0.13
C ARG A 37 6.34 -15.26 1.52
N GLY A 38 5.22 -14.74 2.06
CA GLY A 38 5.23 -14.12 3.37
C GLY A 38 3.89 -14.17 4.02
N LYS A 39 3.89 -13.99 5.36
CA LYS A 39 2.66 -13.98 6.19
C LYS A 39 2.23 -12.56 6.61
N GLY A 40 3.23 -11.70 7.01
CA GLY A 40 2.97 -10.35 7.40
C GLY A 40 3.64 -9.39 6.47
N SER A 41 2.89 -8.96 5.44
CA SER A 41 3.40 -8.06 4.38
C SER A 41 2.76 -6.70 4.37
N LYS A 42 1.60 -6.58 5.08
CA LYS A 42 0.76 -5.34 5.15
C LYS A 42 1.50 -4.11 5.74
N LYS A 43 2.28 -4.37 6.83
CA LYS A 43 3.14 -3.35 7.49
C LYS A 43 4.36 -2.97 6.64
N VAL A 44 4.82 -3.99 5.85
CA VAL A 44 5.99 -3.85 4.93
C VAL A 44 5.66 -2.90 3.76
N ILE A 45 4.48 -3.13 3.17
CA ILE A 45 3.97 -2.32 2.04
C ILE A 45 3.50 -0.94 2.48
N LEU A 46 2.98 -0.88 3.71
CA LEU A 46 2.51 0.37 4.31
C LEU A 46 3.68 1.38 4.59
N GLU A 47 4.83 0.79 5.04
CA GLU A 47 6.07 1.55 5.31
C GLU A 47 6.81 1.90 4.01
N ASP A 48 6.59 1.01 2.96
CA ASP A 48 7.11 1.20 1.56
C ASP A 48 6.48 2.44 0.89
N LEU A 49 5.18 2.72 1.30
CA LEU A 49 4.47 3.94 0.90
C LEU A 49 5.01 5.22 1.45
N LYS A 50 5.56 5.10 2.68
CA LYS A 50 6.19 6.22 3.42
C LYS A 50 7.45 6.80 2.71
N VAL A 51 8.24 5.87 2.14
CA VAL A 51 9.48 6.16 1.38
C VAL A 51 9.20 6.60 -0.05
N ILE A 52 8.15 5.95 -0.68
CA ILE A 52 7.68 6.29 -2.04
C ILE A 52 7.01 7.69 -2.12
N SER A 53 6.25 8.00 -1.04
CA SER A 53 5.50 9.30 -0.95
C SER A 53 6.40 10.55 -0.97
N LYS A 54 7.67 10.37 -0.45
CA LYS A 54 8.69 11.43 -0.39
C LYS A 54 9.31 11.75 -1.75
N ILE A 55 9.45 10.67 -2.57
CA ILE A 55 10.01 10.76 -3.93
C ILE A 55 8.96 11.15 -4.95
N ALA A 56 7.71 10.55 -4.79
CA ALA A 56 6.59 10.83 -5.69
C ALA A 56 6.15 12.35 -5.74
N LYS A 57 6.48 13.07 -4.59
CA LYS A 57 6.17 14.50 -4.42
C LYS A 57 7.30 15.46 -4.99
N ARG A 58 8.53 14.96 -4.85
CA ARG A 58 9.74 15.62 -5.47
C ARG A 58 9.76 15.37 -7.01
N GLU A 59 8.98 14.30 -7.41
CA GLU A 59 8.78 13.91 -8.82
C GLU A 59 7.59 14.65 -9.49
N GLY A 60 6.97 15.61 -8.69
CA GLY A 60 5.81 16.38 -9.15
C GLY A 60 4.57 15.57 -9.43
N MET A 61 4.42 14.42 -8.68
CA MET A 61 3.30 13.50 -8.82
C MET A 61 2.45 13.52 -7.56
N VAL A 62 1.16 13.28 -7.74
CA VAL A 62 0.18 13.29 -6.65
C VAL A 62 -0.42 11.92 -6.43
N LEU A 63 -0.33 11.44 -5.18
CA LEU A 63 -0.91 10.15 -4.78
C LEU A 63 -2.24 10.38 -4.07
N LEU A 64 -3.29 9.68 -4.58
CA LEU A 64 -4.65 9.79 -4.01
C LEU A 64 -5.03 8.53 -3.25
N ILE A 65 -5.48 8.73 -2.00
CA ILE A 65 -5.87 7.60 -1.12
C ILE A 65 -7.37 7.69 -0.88
N LYS A 66 -8.04 6.50 -1.07
CA LYS A 66 -9.46 6.37 -0.86
C LYS A 66 -9.78 6.19 0.64
N PRO A 67 -10.85 6.94 1.18
CA PRO A 67 -11.23 6.86 2.60
C PRO A 67 -11.82 5.54 3.11
N ALA A 68 -11.11 5.07 4.18
CA ALA A 68 -11.49 3.83 4.91
C ALA A 68 -12.84 4.06 5.61
N GLN A 69 -13.69 3.03 5.55
CA GLN A 69 -15.04 3.14 6.05
C GLN A 69 -15.45 1.91 6.85
N CYS A 70 -16.38 2.17 7.84
CA CYS A 70 -17.00 1.09 8.66
C CYS A 70 -18.22 0.61 7.86
N ARG A 71 -18.19 -0.70 7.49
CA ARG A 71 -19.25 -1.30 6.65
C ARG A 71 -20.43 -1.91 7.42
N LYS A 72 -20.35 -1.86 8.77
CA LYS A 72 -21.36 -2.41 9.67
C LYS A 72 -22.36 -1.38 10.18
N CYS A 73 -21.80 -0.22 10.65
CA CYS A 73 -22.61 0.87 11.17
C CYS A 73 -22.90 1.96 10.14
N GLY A 74 -22.03 2.00 9.06
CA GLY A 74 -22.14 3.00 8.01
C GLY A 74 -21.25 4.18 8.21
N PHE A 75 -20.77 4.36 9.51
CA PHE A 75 -19.86 5.45 9.90
C PHE A 75 -18.60 5.51 9.00
N VAL A 76 -18.28 6.73 8.58
CA VAL A 76 -17.19 6.95 7.65
C VAL A 76 -16.00 7.51 8.39
N PHE A 77 -14.84 6.84 8.17
CA PHE A 77 -13.59 7.30 8.73
C PHE A 77 -12.77 8.08 7.74
N LYS A 78 -11.99 9.06 8.26
CA LYS A 78 -11.08 9.89 7.42
C LYS A 78 -9.99 8.99 6.79
N ALA A 79 -9.50 9.39 5.56
CA ALA A 79 -8.46 8.63 4.80
C ALA A 79 -7.16 8.57 5.61
N GLU A 80 -6.67 7.32 5.76
CA GLU A 80 -5.54 6.97 6.65
C GLU A 80 -4.61 5.94 5.97
N ILE A 81 -3.45 5.78 6.61
CA ILE A 81 -2.42 4.84 6.15
C ILE A 81 -2.43 3.56 7.05
N ASN A 82 -1.78 3.69 8.27
CA ASN A 82 -1.79 2.64 9.32
C ASN A 82 -3.28 2.43 9.74
N ILE A 83 -3.62 1.18 10.04
CA ILE A 83 -4.97 0.79 10.37
C ILE A 83 -5.10 0.55 11.90
N PRO A 84 -6.23 1.09 12.55
CA PRO A 84 -6.52 0.80 13.97
C PRO A 84 -7.09 -0.63 14.23
N SER A 85 -6.82 -1.12 15.45
CA SER A 85 -7.28 -2.43 15.92
C SER A 85 -8.69 -2.36 16.57
N ARG A 86 -9.03 -1.13 17.08
CA ARG A 86 -10.31 -0.87 17.72
C ARG A 86 -10.77 0.52 17.39
N CYS A 87 -12.14 0.66 17.21
CA CYS A 87 -12.79 1.95 16.99
C CYS A 87 -12.81 2.80 18.30
N PRO A 88 -12.47 4.17 18.23
CA PRO A 88 -12.56 5.04 19.43
C PRO A 88 -14.01 5.51 19.85
N LYS A 89 -14.97 5.40 18.88
CA LYS A 89 -16.35 5.79 19.10
C LYS A 89 -17.19 4.61 19.56
N CYS A 90 -17.27 3.56 18.67
CA CYS A 90 -18.07 2.41 18.92
C CYS A 90 -17.35 1.15 18.56
N LYS A 91 -17.79 0.54 17.41
CA LYS A 91 -17.36 -0.77 16.98
C LYS A 91 -17.15 -0.81 15.53
N SER A 92 -16.08 -1.62 15.13
CA SER A 92 -15.72 -1.78 13.69
C SER A 92 -14.63 -2.79 13.42
N GLU A 93 -15.01 -4.08 13.50
CA GLU A 93 -14.07 -5.18 13.10
C GLU A 93 -14.11 -5.44 11.53
N TRP A 94 -15.24 -4.98 10.91
CA TRP A 94 -15.44 -5.05 9.45
C TRP A 94 -15.29 -3.68 8.83
N ILE A 95 -14.06 -3.38 8.41
CA ILE A 95 -13.70 -2.06 7.84
C ILE A 95 -13.08 -2.25 6.46
N GLU A 96 -13.29 -1.21 5.60
CA GLU A 96 -12.71 -1.21 4.24
C GLU A 96 -11.31 -0.59 4.25
N GLU A 97 -10.34 -1.30 3.59
CA GLU A 97 -8.96 -0.83 3.50
C GLU A 97 -8.79 0.21 2.37
N PRO A 98 -7.93 1.33 2.58
CA PRO A 98 -7.69 2.34 1.56
C PRO A 98 -7.01 1.83 0.26
N ARG A 99 -7.23 2.62 -0.81
CA ARG A 99 -6.66 2.33 -2.12
C ARG A 99 -5.55 3.32 -2.44
N PHE A 100 -4.45 2.77 -2.99
CA PHE A 100 -3.27 3.58 -3.34
C PHE A 100 -3.03 3.54 -4.80
N LYS A 101 -2.95 4.77 -5.40
CA LYS A 101 -2.73 4.91 -6.85
C LYS A 101 -1.80 6.08 -7.14
N LEU A 102 -1.14 6.03 -8.34
CA LEU A 102 -0.24 7.08 -8.79
C LEU A 102 -0.75 7.71 -10.05
N GLU A 103 -0.80 9.06 -10.04
CA GLU A 103 -1.27 9.82 -11.20
C GLU A 103 -0.16 10.72 -11.68
N ARG A 104 0.02 10.71 -13.04
CA ARG A 104 1.04 11.58 -13.72
C ARG A 104 0.54 13.05 -13.77
N LYS A 105 1.49 14.12 -13.58
CA LYS A 105 1.20 15.66 -13.69
C LYS A 105 2.42 16.41 -14.42
N ALA A 1 36.63 -10.11 -10.19
CA ALA A 1 35.43 -10.43 -11.00
C ALA A 1 34.17 -10.29 -10.16
N HIS A 2 33.14 -9.62 -10.74
CA HIS A 2 31.85 -9.39 -10.06
C HIS A 2 30.72 -10.06 -10.81
N HIS A 3 29.87 -10.76 -10.05
CA HIS A 3 28.70 -11.50 -10.61
C HIS A 3 27.41 -11.00 -9.96
N HIS A 4 26.46 -10.58 -10.82
CA HIS A 4 25.15 -10.07 -10.35
C HIS A 4 24.02 -10.82 -11.02
N HIS A 5 23.09 -11.34 -10.17
CA HIS A 5 21.91 -12.10 -10.62
C HIS A 5 20.61 -11.41 -10.20
N HIS A 6 20.49 -11.09 -8.87
CA HIS A 6 19.30 -10.47 -8.30
C HIS A 6 19.67 -9.26 -7.48
N HIS A 7 18.72 -8.28 -7.44
CA HIS A 7 18.90 -7.05 -6.64
C HIS A 7 18.31 -7.19 -5.22
N GLY A 8 17.06 -7.73 -5.15
CA GLY A 8 16.40 -7.95 -3.89
C GLY A 8 15.34 -6.94 -3.60
N SER A 9 15.74 -5.84 -2.90
CA SER A 9 14.81 -4.73 -2.53
C SER A 9 14.61 -3.68 -3.62
N ALA A 10 15.62 -3.59 -4.56
CA ALA A 10 15.60 -2.65 -5.69
C ALA A 10 14.56 -3.01 -6.79
N THR A 11 14.35 -4.33 -6.97
CA THR A 11 13.38 -4.89 -7.97
C THR A 11 11.95 -4.97 -7.45
N ARG A 12 11.87 -5.33 -6.10
CA ARG A 12 10.55 -5.45 -5.40
C ARG A 12 9.80 -4.12 -5.29
N ARG A 13 10.62 -3.04 -5.01
CA ARG A 13 10.13 -1.66 -4.91
C ARG A 13 9.74 -1.06 -6.27
N GLU A 14 10.58 -1.41 -7.30
CA GLU A 14 10.34 -1.02 -8.70
C GLU A 14 9.08 -1.69 -9.29
N LYS A 15 8.82 -2.97 -8.84
CA LYS A 15 7.64 -3.75 -9.25
C LYS A 15 6.33 -3.19 -8.72
N ILE A 16 6.40 -2.55 -7.49
CA ILE A 16 5.24 -1.91 -6.84
C ILE A 16 4.72 -0.70 -7.65
N ILE A 17 5.66 0.13 -8.09
CA ILE A 17 5.38 1.35 -8.87
C ILE A 17 5.09 1.06 -10.40
N GLU A 18 5.06 -0.27 -10.73
CA GLU A 18 4.88 -0.75 -12.11
C GLU A 18 3.44 -1.17 -12.42
N LEU A 19 2.82 -1.93 -11.48
CA LEU A 19 1.45 -2.41 -11.62
C LEU A 19 0.42 -1.40 -11.10
N LEU A 20 0.86 -0.60 -10.04
CA LEU A 20 0.03 0.39 -9.35
C LEU A 20 -0.29 1.63 -10.21
N LEU A 21 0.44 1.76 -11.43
CA LEU A 21 0.25 2.84 -12.38
C LEU A 21 -0.80 2.49 -13.44
N GLU A 22 -1.15 1.17 -13.51
CA GLU A 22 -2.15 0.65 -14.44
C GLU A 22 -3.51 0.35 -13.77
N GLY A 23 -3.48 0.05 -12.46
CA GLY A 23 -4.67 -0.24 -11.71
C GLY A 23 -4.50 0.04 -10.26
N ASP A 24 -5.45 -0.46 -9.47
CA ASP A 24 -5.44 -0.28 -8.01
C ASP A 24 -5.55 -1.62 -7.33
N TYR A 25 -4.69 -1.82 -6.34
CA TYR A 25 -4.67 -3.06 -5.57
C TYR A 25 -4.49 -2.77 -4.15
N SER A 26 -5.12 -3.61 -3.31
CA SER A 26 -5.03 -3.53 -1.88
C SER A 26 -3.69 -4.17 -1.40
N PRO A 27 -3.12 -3.82 -0.15
CA PRO A 27 -1.86 -4.42 0.38
C PRO A 27 -1.78 -5.98 0.34
N SER A 28 -2.90 -6.65 0.81
CA SER A 28 -3.06 -8.12 0.72
C SER A 28 -3.08 -8.64 -0.73
N GLU A 29 -3.66 -7.76 -1.66
CA GLU A 29 -3.71 -8.00 -3.11
C GLU A 29 -2.33 -7.85 -3.82
N LEU A 30 -1.51 -6.84 -3.29
CA LEU A 30 -0.13 -6.62 -3.73
C LEU A 30 0.82 -7.72 -3.21
N ALA A 31 0.18 -8.70 -2.46
CA ALA A 31 0.84 -9.87 -1.94
C ALA A 31 0.48 -11.09 -2.75
N ARG A 32 -0.76 -11.04 -3.41
CA ARG A 32 -1.26 -12.11 -4.31
C ARG A 32 -0.38 -12.25 -5.57
N ILE A 33 0.01 -11.07 -6.15
CA ILE A 33 0.93 -10.98 -7.29
C ILE A 33 2.41 -11.00 -6.77
N LEU A 34 2.96 -12.16 -6.59
CA LEU A 34 4.33 -12.31 -6.07
C LEU A 34 4.76 -13.75 -6.09
N ASP A 35 6.08 -13.93 -5.93
CA ASP A 35 6.72 -15.25 -5.86
C ASP A 35 7.43 -15.46 -4.47
N MET A 36 6.79 -14.91 -3.41
CA MET A 36 7.36 -14.96 -2.06
C MET A 36 6.65 -15.91 -1.19
N ARG A 37 5.26 -15.72 -1.03
CA ARG A 37 4.37 -16.56 -0.13
C ARG A 37 4.89 -16.47 1.35
N GLY A 38 4.25 -15.62 2.11
CA GLY A 38 4.63 -15.44 3.50
C GLY A 38 3.44 -15.31 4.40
N LYS A 39 3.70 -14.84 5.63
CA LYS A 39 2.65 -14.62 6.66
C LYS A 39 2.32 -13.13 6.88
N GLY A 40 3.37 -12.24 6.82
CA GLY A 40 3.18 -10.83 7.00
C GLY A 40 3.57 -10.06 5.80
N SER A 41 2.56 -9.42 5.17
CA SER A 41 2.76 -8.62 3.94
C SER A 41 2.17 -7.22 4.04
N LYS A 42 1.25 -7.04 5.03
CA LYS A 42 0.52 -5.77 5.26
C LYS A 42 1.42 -4.62 5.79
N LYS A 43 2.19 -4.94 6.87
CA LYS A 43 3.12 -3.97 7.51
C LYS A 43 4.39 -3.71 6.68
N VAL A 44 4.79 -4.78 5.95
CA VAL A 44 5.99 -4.77 5.07
C VAL A 44 5.75 -3.86 3.82
N ILE A 45 4.57 -4.04 3.22
CA ILE A 45 4.16 -3.24 2.04
C ILE A 45 3.80 -1.75 2.40
N LEU A 46 3.41 -1.58 3.67
CA LEU A 46 3.04 -0.31 4.21
C LEU A 46 4.19 0.63 4.45
N GLU A 47 5.32 0.00 4.87
CA GLU A 47 6.60 0.68 5.10
C GLU A 47 7.33 0.98 3.78
N ASP A 48 7.03 0.08 2.74
CA ASP A 48 7.53 0.24 1.34
C ASP A 48 6.95 1.48 0.64
N LEU A 49 5.67 1.83 1.07
CA LEU A 49 4.95 3.04 0.61
C LEU A 49 5.61 4.33 1.11
N LYS A 50 6.20 4.23 2.35
CA LYS A 50 6.93 5.34 3.01
C LYS A 50 8.21 5.77 2.23
N VAL A 51 8.87 4.77 1.63
CA VAL A 51 10.09 4.93 0.81
C VAL A 51 9.77 5.43 -0.60
N ILE A 52 8.70 4.85 -1.20
CA ILE A 52 8.23 5.22 -2.55
C ILE A 52 7.64 6.65 -2.61
N SER A 53 6.91 7.00 -1.51
CA SER A 53 6.25 8.33 -1.39
C SER A 53 7.23 9.53 -1.47
N LYS A 54 8.52 9.27 -1.01
CA LYS A 54 9.60 10.26 -1.03
C LYS A 54 10.16 10.53 -2.42
N ILE A 55 10.19 9.47 -3.24
CA ILE A 55 10.71 9.50 -4.61
C ILE A 55 9.65 9.93 -5.60
N ALA A 56 8.37 9.42 -5.39
CA ALA A 56 7.24 9.74 -6.26
C ALA A 56 6.87 11.28 -6.31
N LYS A 57 7.27 11.99 -5.17
CA LYS A 57 6.99 13.42 -5.00
C LYS A 57 8.14 14.34 -5.58
N ARG A 58 9.36 13.80 -5.49
CA ARG A 58 10.58 14.40 -6.16
C ARG A 58 10.53 14.12 -7.70
N GLU A 59 9.67 13.09 -8.05
CA GLU A 59 9.42 12.71 -9.45
C GLU A 59 8.25 13.51 -10.08
N GLY A 60 7.72 14.52 -9.28
CA GLY A 60 6.61 15.37 -9.71
C GLY A 60 5.30 14.65 -9.91
N MET A 61 5.10 13.52 -9.14
CA MET A 61 3.90 12.71 -9.21
C MET A 61 3.17 12.77 -7.86
N VAL A 62 1.85 12.66 -7.94
CA VAL A 62 0.97 12.72 -6.77
C VAL A 62 0.30 11.38 -6.51
N LEU A 63 0.41 10.93 -5.25
CA LEU A 63 -0.23 9.67 -4.83
C LEU A 63 -1.54 9.97 -4.10
N LEU A 64 -2.63 9.31 -4.57
CA LEU A 64 -3.97 9.48 -3.97
C LEU A 64 -4.43 8.20 -3.31
N ILE A 65 -4.89 8.35 -2.05
CA ILE A 65 -5.37 7.20 -1.26
C ILE A 65 -6.87 7.37 -1.03
N LYS A 66 -7.61 6.23 -1.22
CA LYS A 66 -9.04 6.18 -1.03
C LYS A 66 -9.39 6.05 0.47
N PRO A 67 -10.42 6.87 0.98
CA PRO A 67 -10.80 6.85 2.40
C PRO A 67 -11.49 5.58 2.92
N ALA A 68 -10.76 5.00 3.93
CA ALA A 68 -11.22 3.81 4.66
C ALA A 68 -12.41 4.18 5.55
N GLN A 69 -13.37 3.27 5.63
CA GLN A 69 -14.62 3.51 6.34
C GLN A 69 -15.08 2.27 7.12
N CYS A 70 -15.94 2.53 8.11
CA CYS A 70 -16.63 1.47 8.88
C CYS A 70 -17.88 1.07 8.09
N ARG A 71 -17.97 -0.23 7.72
CA ARG A 71 -19.08 -0.76 6.89
C ARG A 71 -20.32 -1.17 7.69
N LYS A 72 -20.20 -1.11 9.05
CA LYS A 72 -21.27 -1.50 9.97
C LYS A 72 -22.17 -0.34 10.41
N CYS A 73 -21.51 0.79 10.79
CA CYS A 73 -22.23 1.98 11.25
C CYS A 73 -22.41 3.03 10.18
N GLY A 74 -21.57 2.93 9.08
CA GLY A 74 -21.59 3.90 7.99
C GLY A 74 -20.58 5.00 8.16
N PHE A 75 -20.05 5.15 9.45
CA PHE A 75 -19.02 6.14 9.79
C PHE A 75 -17.80 6.05 8.85
N VAL A 76 -17.36 7.20 8.40
CA VAL A 76 -16.28 7.32 7.42
C VAL A 76 -15.04 7.89 8.06
N PHE A 77 -13.94 7.16 7.88
CA PHE A 77 -12.65 7.59 8.45
C PHE A 77 -11.78 8.24 7.41
N LYS A 78 -10.93 9.20 7.88
CA LYS A 78 -9.96 9.89 7.00
C LYS A 78 -8.91 8.88 6.48
N ALA A 79 -8.29 9.20 5.30
CA ALA A 79 -7.28 8.33 4.65
C ALA A 79 -6.03 8.18 5.54
N GLU A 80 -5.65 6.91 5.74
CA GLU A 80 -4.59 6.50 6.67
C GLU A 80 -3.63 5.50 6.01
N ILE A 81 -2.46 5.35 6.65
CA ILE A 81 -1.43 4.41 6.21
C ILE A 81 -1.45 3.16 7.16
N ASN A 82 -0.77 3.32 8.35
CA ASN A 82 -0.84 2.31 9.44
C ASN A 82 -2.33 2.22 9.87
N ILE A 83 -2.80 0.99 10.12
CA ILE A 83 -4.16 0.72 10.44
C ILE A 83 -4.44 0.67 11.99
N PRO A 84 -5.69 1.13 12.43
CA PRO A 84 -6.13 0.93 13.82
C PRO A 84 -6.69 -0.50 14.15
N SER A 85 -6.65 -0.81 15.45
CA SER A 85 -7.20 -2.07 15.97
C SER A 85 -8.62 -1.87 16.56
N ARG A 86 -8.89 -0.60 17.02
CA ARG A 86 -10.17 -0.22 17.62
C ARG A 86 -10.53 1.17 17.24
N CYS A 87 -11.87 1.40 17.04
CA CYS A 87 -12.42 2.71 16.73
C CYS A 87 -12.59 3.54 18.03
N PRO A 88 -12.35 4.92 17.98
CA PRO A 88 -12.54 5.78 19.19
C PRO A 88 -14.01 6.11 19.61
N LYS A 89 -14.96 5.90 18.65
CA LYS A 89 -16.37 6.18 18.89
C LYS A 89 -17.13 4.95 19.39
N CYS A 90 -17.33 3.97 18.47
CA CYS A 90 -18.05 2.76 18.76
C CYS A 90 -17.22 1.55 18.38
N LYS A 91 -17.87 0.34 18.46
CA LYS A 91 -17.26 -0.92 18.08
C LYS A 91 -17.18 -1.03 16.57
N SER A 92 -16.09 -1.73 16.09
CA SER A 92 -15.82 -1.82 14.63
C SER A 92 -14.72 -2.79 14.29
N GLU A 93 -15.09 -4.10 14.33
CA GLU A 93 -14.17 -5.18 13.86
C GLU A 93 -14.25 -5.40 12.31
N TRP A 94 -15.37 -4.90 11.72
CA TRP A 94 -15.61 -4.96 10.26
C TRP A 94 -15.42 -3.60 9.62
N ILE A 95 -14.19 -3.38 9.15
CA ILE A 95 -13.80 -2.10 8.54
C ILE A 95 -13.23 -2.33 7.15
N GLU A 96 -13.45 -1.33 6.25
CA GLU A 96 -12.93 -1.40 4.87
C GLU A 96 -11.49 -0.85 4.79
N GLU A 97 -10.61 -1.64 4.11
CA GLU A 97 -9.20 -1.26 3.95
C GLU A 97 -9.03 -0.24 2.80
N PRO A 98 -8.11 0.83 2.96
CA PRO A 98 -7.87 1.81 1.90
C PRO A 98 -7.22 1.25 0.60
N ARG A 99 -7.44 2.03 -0.48
CA ARG A 99 -6.90 1.71 -1.78
C ARG A 99 -5.80 2.70 -2.14
N PHE A 100 -4.75 2.15 -2.79
CA PHE A 100 -3.58 2.94 -3.20
C PHE A 100 -3.49 3.03 -4.69
N LYS A 101 -3.33 4.29 -5.18
CA LYS A 101 -3.21 4.56 -6.62
C LYS A 101 -2.16 5.61 -6.89
N LEU A 102 -1.56 5.55 -8.11
CA LEU A 102 -0.54 6.52 -8.55
C LEU A 102 -1.09 7.32 -9.71
N GLU A 103 -1.07 8.66 -9.54
CA GLU A 103 -1.57 9.57 -10.57
C GLU A 103 -0.47 10.53 -11.00
N ARG A 104 -0.43 10.79 -12.33
CA ARG A 104 0.54 11.75 -12.91
C ARG A 104 -0.01 13.18 -12.82
N LYS A 105 0.93 14.28 -12.74
CA LYS A 105 0.59 15.80 -12.74
C LYS A 105 0.92 16.48 -14.17
N ALA A 1 11.63 -24.56 -9.00
CA ALA A 1 12.61 -25.64 -9.34
C ALA A 1 14.06 -25.18 -9.18
N HIS A 2 14.34 -23.88 -9.53
CA HIS A 2 15.67 -23.29 -9.42
C HIS A 2 15.68 -22.18 -8.38
N HIS A 3 16.74 -22.19 -7.53
CA HIS A 3 16.91 -21.19 -6.47
C HIS A 3 18.09 -20.28 -6.76
N HIS A 4 17.80 -18.97 -6.74
CA HIS A 4 18.82 -17.90 -7.01
C HIS A 4 18.78 -16.83 -5.91
N HIS A 5 19.97 -16.34 -5.53
CA HIS A 5 20.13 -15.30 -4.52
C HIS A 5 20.59 -14.00 -5.17
N HIS A 6 19.71 -12.96 -5.12
CA HIS A 6 20.00 -11.64 -5.72
C HIS A 6 19.70 -10.52 -4.76
N HIS A 7 20.57 -9.46 -4.80
CA HIS A 7 20.39 -8.27 -3.94
C HIS A 7 19.98 -7.06 -4.77
N GLY A 8 18.94 -6.36 -4.27
CA GLY A 8 18.45 -5.17 -4.95
C GLY A 8 17.30 -4.56 -4.27
N SER A 9 17.61 -3.63 -3.33
CA SER A 9 16.57 -2.87 -2.58
C SER A 9 16.05 -1.61 -3.32
N ALA A 10 16.93 -1.07 -4.23
CA ALA A 10 16.62 0.11 -5.07
C ALA A 10 15.68 -0.20 -6.27
N THR A 11 15.74 -1.49 -6.73
CA THR A 11 14.90 -2.01 -7.85
C THR A 11 13.49 -2.39 -7.43
N ARG A 12 13.41 -2.93 -6.14
CA ARG A 12 12.10 -3.29 -5.50
C ARG A 12 11.16 -2.08 -5.35
N ARG A 13 11.79 -0.90 -4.99
CA ARG A 13 11.12 0.39 -4.91
C ARG A 13 10.73 0.95 -6.29
N GLU A 14 11.64 0.69 -7.29
CA GLU A 14 11.42 1.07 -8.70
C GLU A 14 10.23 0.32 -9.34
N LYS A 15 10.05 -0.99 -8.90
CA LYS A 15 8.95 -1.87 -9.35
C LYS A 15 7.56 -1.37 -8.90
N ILE A 16 7.54 -0.73 -7.67
CA ILE A 16 6.31 -0.12 -7.10
C ILE A 16 5.88 1.11 -7.93
N ILE A 17 6.85 1.99 -8.25
CA ILE A 17 6.61 3.18 -9.06
C ILE A 17 6.30 2.85 -10.60
N GLU A 18 6.57 1.56 -10.94
CA GLU A 18 6.47 1.11 -12.33
C GLU A 18 5.13 0.44 -12.67
N LEU A 19 4.62 -0.42 -11.74
CA LEU A 19 3.38 -1.15 -11.93
C LEU A 19 2.14 -0.40 -11.47
N LEU A 20 2.34 0.55 -10.49
CA LEU A 20 1.27 1.35 -9.86
C LEU A 20 0.77 2.52 -10.70
N LEU A 21 1.53 2.85 -11.84
CA LEU A 21 1.20 3.94 -12.76
C LEU A 21 0.22 3.50 -13.86
N GLU A 22 0.01 2.15 -13.95
CA GLU A 22 -0.89 1.54 -14.92
C GLU A 22 -2.23 1.09 -14.30
N GLY A 23 -2.22 0.81 -12.98
CA GLY A 23 -3.41 0.39 -12.28
C GLY A 23 -3.27 0.54 -10.82
N ASP A 24 -4.25 -0.03 -10.10
CA ASP A 24 -4.29 0.02 -8.62
C ASP A 24 -4.22 -1.37 -8.06
N TYR A 25 -3.33 -1.55 -7.08
CA TYR A 25 -3.15 -2.84 -6.43
C TYR A 25 -2.99 -2.66 -4.98
N SER A 26 -3.53 -3.62 -4.21
CA SER A 26 -3.45 -3.63 -2.78
C SER A 26 -2.07 -4.15 -2.32
N PRO A 27 -1.56 -3.87 -1.02
CA PRO A 27 -0.26 -4.37 -0.50
C PRO A 27 -0.03 -5.91 -0.66
N SER A 28 -1.11 -6.73 -0.30
CA SER A 28 -1.12 -8.20 -0.51
C SER A 28 -1.01 -8.61 -2.00
N GLU A 29 -1.60 -7.69 -2.89
CA GLU A 29 -1.54 -7.81 -4.36
C GLU A 29 -0.13 -7.44 -4.94
N LEU A 30 0.52 -6.40 -4.25
CA LEU A 30 1.92 -5.99 -4.53
C LEU A 30 2.92 -7.05 -4.03
N ALA A 31 2.32 -8.12 -3.37
CA ALA A 31 3.05 -9.28 -2.89
C ALA A 31 2.88 -10.44 -3.84
N ARG A 32 1.66 -10.49 -4.53
CA ARG A 32 1.33 -11.52 -5.55
C ARG A 32 2.24 -11.42 -6.78
N ILE A 33 2.43 -10.16 -7.30
CA ILE A 33 3.34 -9.84 -8.40
C ILE A 33 4.78 -9.68 -7.81
N LEU A 34 5.48 -10.74 -7.55
CA LEU A 34 6.83 -10.71 -6.92
C LEU A 34 7.16 -12.08 -6.37
N ASP A 35 8.31 -12.13 -5.62
CA ASP A 35 8.77 -13.30 -4.90
C ASP A 35 8.62 -13.04 -3.40
N MET A 36 8.05 -14.05 -2.69
CA MET A 36 7.80 -13.95 -1.23
C MET A 36 8.78 -14.77 -0.43
N ARG A 37 9.41 -14.10 0.56
CA ARG A 37 10.41 -14.72 1.46
C ARG A 37 10.04 -14.59 2.93
N GLY A 38 9.30 -13.49 3.26
CA GLY A 38 8.89 -13.23 4.61
C GLY A 38 7.41 -13.44 4.84
N LYS A 39 6.95 -13.01 6.02
CA LYS A 39 5.54 -13.13 6.44
C LYS A 39 4.78 -11.79 6.44
N GLY A 40 5.53 -10.67 6.71
CA GLY A 40 4.94 -9.34 6.74
C GLY A 40 5.28 -8.52 5.53
N SER A 41 4.22 -8.07 4.84
CA SER A 41 4.36 -7.26 3.60
C SER A 41 3.58 -5.96 3.66
N LYS A 42 2.57 -5.91 4.60
CA LYS A 42 1.68 -4.75 4.79
C LYS A 42 2.37 -3.51 5.40
N LYS A 43 3.13 -3.73 6.53
CA LYS A 43 3.87 -2.67 7.24
C LYS A 43 5.13 -2.24 6.52
N VAL A 44 5.76 -3.23 5.82
CA VAL A 44 7.00 -3.03 5.02
C VAL A 44 6.73 -2.15 3.77
N ILE A 45 5.60 -2.46 3.10
CA ILE A 45 5.16 -1.68 1.94
C ILE A 45 4.58 -0.26 2.35
N LEU A 46 4.09 -0.20 3.61
CA LEU A 46 3.47 1.00 4.17
C LEU A 46 4.51 2.11 4.46
N GLU A 47 5.72 1.63 4.95
CA GLU A 47 6.87 2.52 5.23
C GLU A 47 7.59 2.96 3.93
N ASP A 48 7.46 2.08 2.87
CA ASP A 48 7.95 2.36 1.49
C ASP A 48 7.17 3.51 0.82
N LEU A 49 5.84 3.60 1.20
CA LEU A 49 4.93 4.69 0.78
C LEU A 49 5.32 6.05 1.37
N LYS A 50 5.84 5.98 2.64
CA LYS A 50 6.32 7.17 3.42
C LYS A 50 7.52 7.88 2.76
N VAL A 51 8.42 7.04 2.18
CA VAL A 51 9.64 7.48 1.48
C VAL A 51 9.32 7.97 0.06
N ILE A 52 8.47 7.19 -0.66
CA ILE A 52 8.04 7.51 -2.03
C ILE A 52 7.21 8.80 -2.11
N SER A 53 6.33 8.98 -1.09
CA SER A 53 5.44 10.18 -0.98
C SER A 53 6.22 11.52 -0.92
N LYS A 54 7.49 11.42 -0.34
CA LYS A 54 8.41 12.57 -0.21
C LYS A 54 9.04 12.98 -1.55
N ILE A 55 9.27 11.95 -2.41
CA ILE A 55 9.87 12.11 -3.74
C ILE A 55 8.83 12.43 -4.78
N ALA A 56 7.62 11.75 -4.65
CA ALA A 56 6.48 11.97 -5.55
C ALA A 56 5.94 13.44 -5.57
N LYS A 57 6.19 14.14 -4.39
CA LYS A 57 5.76 15.55 -4.19
C LYS A 57 6.82 16.60 -4.71
N ARG A 58 8.09 16.20 -4.55
CA ARG A 58 9.26 16.95 -5.15
C ARG A 58 9.29 16.75 -6.70
N GLU A 59 8.57 15.64 -7.14
CA GLU A 59 8.40 15.29 -8.56
C GLU A 59 7.13 15.94 -9.18
N GLY A 60 6.45 16.81 -8.35
CA GLY A 60 5.23 17.51 -8.79
C GLY A 60 4.05 16.59 -9.11
N MET A 61 3.98 15.43 -8.39
CA MET A 61 2.95 14.42 -8.60
C MET A 61 2.08 14.32 -7.35
N VAL A 62 0.80 14.01 -7.58
CA VAL A 62 -0.19 13.91 -6.51
C VAL A 62 -0.68 12.49 -6.34
N LEU A 63 -0.56 11.98 -5.09
CA LEU A 63 -1.04 10.64 -4.75
C LEU A 63 -2.38 10.74 -3.99
N LEU A 64 -3.39 10.03 -4.54
CA LEU A 64 -4.74 10.00 -3.94
C LEU A 64 -5.01 8.67 -3.26
N ILE A 65 -5.50 8.76 -2.01
CA ILE A 65 -5.80 7.56 -1.20
C ILE A 65 -7.31 7.51 -0.96
N LYS A 66 -7.87 6.26 -1.20
CA LYS A 66 -9.28 6.00 -1.02
C LYS A 66 -9.60 5.77 0.48
N PRO A 67 -10.72 6.41 1.03
CA PRO A 67 -11.10 6.28 2.44
C PRO A 67 -11.60 4.90 2.91
N ALA A 68 -10.86 4.44 3.96
CA ALA A 68 -11.16 3.17 4.66
C ALA A 68 -12.47 3.31 5.44
N GLN A 69 -13.25 2.25 5.42
CA GLN A 69 -14.59 2.23 6.01
C GLN A 69 -14.86 0.91 6.75
N CYS A 70 -15.86 0.97 7.67
CA CYS A 70 -16.38 -0.21 8.37
C CYS A 70 -17.52 -0.78 7.50
N ARG A 71 -17.40 -2.07 7.11
CA ARG A 71 -18.36 -2.74 6.23
C ARG A 71 -19.53 -3.43 6.96
N LYS A 72 -19.45 -3.45 8.32
CA LYS A 72 -20.44 -4.10 9.18
C LYS A 72 -21.54 -3.15 9.67
N CYS A 73 -21.10 -1.96 10.16
CA CYS A 73 -22.02 -0.94 10.66
C CYS A 73 -22.38 0.11 9.63
N GLY A 74 -21.49 0.23 8.56
CA GLY A 74 -21.67 1.23 7.52
C GLY A 74 -20.89 2.49 7.75
N PHE A 75 -20.46 2.68 9.07
CA PHE A 75 -19.66 3.84 9.49
C PHE A 75 -18.37 3.99 8.64
N VAL A 76 -18.13 5.22 8.24
CA VAL A 76 -17.02 5.56 7.34
C VAL A 76 -15.93 6.27 8.08
N PHE A 77 -14.71 5.73 7.90
CA PHE A 77 -13.53 6.33 8.53
C PHE A 77 -12.76 7.19 7.56
N LYS A 78 -12.06 8.22 8.12
CA LYS A 78 -11.21 9.12 7.30
C LYS A 78 -10.04 8.33 6.68
N ALA A 79 -9.58 8.77 5.47
CA ALA A 79 -8.48 8.10 4.72
C ALA A 79 -7.17 8.11 5.54
N GLU A 80 -6.59 6.89 5.69
CA GLU A 80 -5.44 6.65 6.56
C GLU A 80 -4.42 5.72 5.85
N ILE A 81 -3.25 5.64 6.50
CA ILE A 81 -2.14 4.80 6.02
C ILE A 81 -2.06 3.49 6.88
N ASN A 82 -1.42 3.64 8.10
CA ASN A 82 -1.36 2.54 9.11
C ASN A 82 -2.81 2.21 9.53
N ILE A 83 -3.06 0.94 9.84
CA ILE A 83 -4.38 0.44 10.16
C ILE A 83 -4.50 0.19 11.68
N PRO A 84 -5.69 0.64 12.32
CA PRO A 84 -5.99 0.32 13.73
C PRO A 84 -6.43 -1.16 13.97
N SER A 85 -6.14 -1.63 15.21
CA SER A 85 -6.52 -2.99 15.66
C SER A 85 -7.96 -3.02 16.22
N ARG A 86 -8.44 -1.83 16.71
CA ARG A 86 -9.77 -1.66 17.26
C ARG A 86 -10.32 -0.31 16.89
N CYS A 87 -11.68 -0.29 16.64
CA CYS A 87 -12.42 0.94 16.35
C CYS A 87 -12.79 1.66 17.66
N PRO A 88 -12.74 3.06 17.74
CA PRO A 88 -13.15 3.79 18.97
C PRO A 88 -14.69 3.86 19.28
N LYS A 89 -15.53 3.47 18.25
CA LYS A 89 -16.95 3.53 18.37
C LYS A 89 -17.59 2.22 18.82
N CYS A 90 -17.60 1.23 17.88
CA CYS A 90 -18.27 -0.02 18.10
C CYS A 90 -17.44 -1.21 17.72
N LYS A 91 -17.79 -1.81 16.54
CA LYS A 91 -17.24 -3.05 16.05
C LYS A 91 -15.90 -2.85 15.34
N SER A 92 -15.15 -3.98 15.17
CA SER A 92 -13.80 -3.94 14.61
C SER A 92 -13.34 -5.30 14.17
N GLU A 93 -13.80 -5.70 12.95
CA GLU A 93 -13.37 -6.98 12.33
C GLU A 93 -13.30 -6.83 10.80
N TRP A 94 -14.44 -6.36 10.22
CA TRP A 94 -14.57 -6.19 8.77
C TRP A 94 -14.44 -4.73 8.35
N ILE A 95 -13.22 -4.39 7.96
CA ILE A 95 -12.88 -3.02 7.51
C ILE A 95 -12.23 -3.09 6.14
N GLU A 96 -12.49 -2.03 5.32
CA GLU A 96 -11.91 -1.94 3.96
C GLU A 96 -10.56 -1.21 4.02
N GLU A 97 -9.53 -1.82 3.35
CA GLU A 97 -8.20 -1.25 3.27
C GLU A 97 -8.12 -0.21 2.14
N PRO A 98 -7.33 0.95 2.34
CA PRO A 98 -7.18 2.00 1.30
C PRO A 98 -6.45 1.56 0.02
N ARG A 99 -6.74 2.35 -1.07
CA ARG A 99 -6.14 2.13 -2.38
C ARG A 99 -5.15 3.25 -2.69
N PHE A 100 -4.00 2.83 -3.26
CA PHE A 100 -2.92 3.77 -3.61
C PHE A 100 -2.73 3.83 -5.09
N LYS A 101 -2.78 5.07 -5.62
CA LYS A 101 -2.63 5.31 -7.07
C LYS A 101 -1.80 6.57 -7.33
N LEU A 102 -1.16 6.61 -8.53
CA LEU A 102 -0.36 7.76 -8.95
C LEU A 102 -0.94 8.35 -10.21
N GLU A 103 -1.16 9.69 -10.16
CA GLU A 103 -1.71 10.43 -11.30
C GLU A 103 -0.72 11.48 -11.76
N ARG A 104 -0.57 11.57 -13.11
CA ARG A 104 0.33 12.59 -13.74
C ARG A 104 -0.35 13.98 -13.74
N LYS A 105 0.49 15.15 -13.60
CA LYS A 105 0.01 16.64 -13.64
C LYS A 105 0.58 17.39 -14.95
N ALA A 1 15.59 -17.15 -18.09
CA ALA A 1 16.45 -17.18 -19.30
C ALA A 1 16.76 -15.77 -19.84
N HIS A 2 15.74 -14.86 -19.78
CA HIS A 2 15.88 -13.48 -20.22
C HIS A 2 15.92 -12.48 -19.06
N HIS A 3 15.19 -12.84 -17.95
CA HIS A 3 15.10 -12.01 -16.76
C HIS A 3 15.78 -12.69 -15.59
N HIS A 4 16.58 -11.88 -14.85
CA HIS A 4 17.32 -12.36 -13.66
C HIS A 4 16.81 -11.67 -12.40
N HIS A 5 16.77 -12.45 -11.28
CA HIS A 5 16.32 -11.94 -9.97
C HIS A 5 17.52 -11.62 -9.07
N HIS A 6 17.49 -10.39 -8.49
CA HIS A 6 18.58 -9.93 -7.61
C HIS A 6 18.07 -9.72 -6.19
N HIS A 7 18.98 -9.98 -5.19
CA HIS A 7 18.65 -9.81 -3.77
C HIS A 7 19.11 -8.44 -3.26
N GLY A 8 18.19 -7.73 -2.60
CA GLY A 8 18.50 -6.42 -2.06
C GLY A 8 17.28 -5.71 -1.57
N SER A 9 17.52 -4.71 -0.70
CA SER A 9 16.42 -3.87 -0.13
C SER A 9 16.02 -2.69 -1.04
N ALA A 10 16.98 -2.25 -1.92
CA ALA A 10 16.77 -1.16 -2.88
C ALA A 10 15.93 -1.56 -4.11
N THR A 11 15.96 -2.89 -4.43
CA THR A 11 15.22 -3.48 -5.57
C THR A 11 13.74 -3.75 -5.25
N ARG A 12 13.53 -4.21 -3.96
CA ARG A 12 12.16 -4.49 -3.45
C ARG A 12 11.28 -3.23 -3.41
N ARG A 13 11.94 -2.07 -3.03
CA ARG A 13 11.32 -0.74 -3.04
C ARG A 13 11.06 -0.22 -4.46
N GLU A 14 12.04 -0.55 -5.37
CA GLU A 14 11.95 -0.22 -6.81
C GLU A 14 10.79 -0.97 -7.50
N LYS A 15 10.53 -2.24 -7.04
CA LYS A 15 9.45 -3.10 -7.54
C LYS A 15 8.05 -2.57 -7.19
N ILE A 16 7.98 -1.86 -6.01
CA ILE A 16 6.73 -1.23 -5.55
C ILE A 16 6.30 -0.06 -6.48
N ILE A 17 7.26 0.80 -6.79
CA ILE A 17 7.07 1.97 -7.66
C ILE A 17 7.01 1.63 -9.19
N GLU A 18 7.17 0.29 -9.47
CA GLU A 18 7.22 -0.23 -10.84
C GLU A 18 5.90 -0.90 -11.28
N LEU A 19 5.30 -1.72 -10.37
CA LEU A 19 4.05 -2.42 -10.65
C LEU A 19 2.80 -1.61 -10.29
N LEU A 20 2.97 -0.66 -9.30
CA LEU A 20 1.88 0.19 -8.78
C LEU A 20 1.52 1.36 -9.69
N LEU A 21 2.39 1.61 -10.78
CA LEU A 21 2.19 2.67 -11.76
C LEU A 21 1.29 2.21 -12.94
N GLU A 22 1.06 0.86 -12.99
CA GLU A 22 0.23 0.24 -14.02
C GLU A 22 -1.17 -0.17 -13.49
N GLY A 23 -1.26 -0.43 -12.17
CA GLY A 23 -2.52 -0.81 -11.55
C GLY A 23 -2.49 -0.62 -10.08
N ASP A 24 -3.47 -1.22 -9.41
CA ASP A 24 -3.61 -1.13 -7.95
C ASP A 24 -3.54 -2.50 -7.33
N TYR A 25 -2.76 -2.62 -6.27
CA TYR A 25 -2.61 -3.89 -5.56
C TYR A 25 -2.55 -3.63 -4.11
N SER A 26 -3.17 -4.54 -3.34
CA SER A 26 -3.21 -4.47 -1.90
C SER A 26 -1.85 -4.93 -1.30
N PRO A 27 -1.48 -4.57 0.02
CA PRO A 27 -0.22 -5.03 0.67
C PRO A 27 0.04 -6.56 0.62
N SER A 28 -1.05 -7.37 0.93
CA SER A 28 -1.03 -8.84 0.82
C SER A 28 -0.79 -9.33 -0.63
N GLU A 29 -1.30 -8.48 -1.62
CA GLU A 29 -1.12 -8.69 -3.07
C GLU A 29 0.32 -8.35 -3.55
N LEU A 30 0.92 -7.26 -2.91
CA LEU A 30 2.33 -6.87 -3.11
C LEU A 30 3.29 -7.89 -2.45
N ALA A 31 2.65 -8.92 -1.78
CA ALA A 31 3.35 -10.03 -1.17
C ALA A 31 3.21 -11.26 -2.03
N ARG A 32 2.06 -11.36 -2.80
CA ARG A 32 1.78 -12.46 -3.76
C ARG A 32 2.80 -12.44 -4.92
N ILE A 33 3.06 -11.22 -5.48
CA ILE A 33 4.08 -10.97 -6.51
C ILE A 33 5.46 -10.77 -5.81
N LEU A 34 6.15 -11.84 -5.53
CA LEU A 34 7.44 -11.76 -4.83
C LEU A 34 8.17 -13.01 -4.88
N ASP A 35 7.41 -14.17 -5.11
CA ASP A 35 7.97 -15.59 -5.09
C ASP A 35 8.63 -15.94 -3.69
N MET A 36 8.08 -15.30 -2.62
CA MET A 36 8.60 -15.44 -1.26
C MET A 36 7.50 -15.77 -0.28
N ARG A 37 7.83 -16.65 0.69
CA ARG A 37 6.88 -17.07 1.74
C ARG A 37 7.31 -16.50 3.10
N GLY A 38 6.34 -15.95 3.83
CA GLY A 38 6.61 -15.37 5.13
C GLY A 38 5.44 -14.60 5.67
N LYS A 39 5.50 -14.32 6.99
CA LYS A 39 4.43 -13.57 7.70
C LYS A 39 4.91 -12.16 8.07
N GLY A 40 4.07 -11.16 7.75
CA GLY A 40 4.41 -9.76 8.06
C GLY A 40 4.78 -8.99 6.84
N SER A 41 3.77 -8.43 6.18
CA SER A 41 3.92 -7.65 4.93
C SER A 41 3.10 -6.37 4.92
N LYS A 42 2.06 -6.34 5.82
CA LYS A 42 1.10 -5.22 5.91
C LYS A 42 1.68 -3.92 6.50
N LYS A 43 2.30 -4.04 7.72
CA LYS A 43 2.90 -2.90 8.44
C LYS A 43 4.24 -2.45 7.86
N VAL A 44 4.97 -3.44 7.31
CA VAL A 44 6.29 -3.25 6.68
C VAL A 44 6.20 -2.44 5.37
N ILE A 45 5.11 -2.73 4.61
CA ILE A 45 4.83 -2.00 3.36
C ILE A 45 4.27 -0.54 3.61
N LEU A 46 3.67 -0.38 4.80
CA LEU A 46 3.07 0.88 5.23
C LEU A 46 4.11 1.94 5.59
N GLU A 47 5.22 1.43 6.22
CA GLU A 47 6.38 2.26 6.58
C GLU A 47 7.25 2.58 5.36
N ASP A 48 7.20 1.64 4.34
CA ASP A 48 7.86 1.81 3.01
C ASP A 48 7.20 2.93 2.19
N LEU A 49 5.86 3.11 2.42
CA LEU A 49 5.06 4.21 1.82
C LEU A 49 5.46 5.58 2.34
N LYS A 50 5.87 5.60 3.65
CA LYS A 50 6.33 6.81 4.37
C LYS A 50 7.63 7.40 3.78
N VAL A 51 8.52 6.49 3.32
CA VAL A 51 9.82 6.83 2.71
C VAL A 51 9.64 7.31 1.26
N ILE A 52 8.78 6.59 0.50
CA ILE A 52 8.51 6.88 -0.91
C ILE A 52 7.70 8.15 -1.12
N SER A 53 6.81 8.42 -0.16
CA SER A 53 5.97 9.64 -0.17
C SER A 53 6.78 10.96 -0.12
N LYS A 54 7.98 10.88 0.57
CA LYS A 54 8.91 12.02 0.71
C LYS A 54 9.65 12.34 -0.59
N ILE A 55 9.92 11.26 -1.36
CA ILE A 55 10.64 11.35 -2.65
C ILE A 55 9.68 11.64 -3.80
N ALA A 56 8.46 10.98 -3.74
CA ALA A 56 7.42 11.17 -4.76
C ALA A 56 6.91 12.64 -4.90
N LYS A 57 7.10 13.41 -3.77
CA LYS A 57 6.67 14.84 -3.68
C LYS A 57 7.80 15.84 -4.15
N ARG A 58 9.03 15.43 -3.84
CA ARG A 58 10.27 16.13 -4.38
C ARG A 58 10.45 15.82 -5.90
N GLU A 59 9.75 14.71 -6.34
CA GLU A 59 9.72 14.29 -7.75
C GLU A 59 8.55 14.91 -8.54
N GLY A 60 7.80 15.84 -7.83
CA GLY A 60 6.64 16.52 -8.42
C GLY A 60 5.49 15.60 -8.80
N MET A 61 5.33 14.48 -8.03
CA MET A 61 4.29 13.48 -8.26
C MET A 61 3.32 13.48 -7.07
N VAL A 62 2.06 13.15 -7.39
CA VAL A 62 0.99 13.14 -6.39
C VAL A 62 0.45 11.73 -6.21
N LEU A 63 0.45 11.28 -4.94
CA LEU A 63 -0.11 9.97 -4.59
C LEU A 63 -1.52 10.13 -4.00
N LEU A 64 -2.48 9.39 -4.60
CA LEU A 64 -3.88 9.45 -4.15
C LEU A 64 -4.29 8.13 -3.50
N ILE A 65 -4.89 8.26 -2.31
CA ILE A 65 -5.34 7.09 -1.53
C ILE A 65 -6.86 7.08 -1.49
N LYS A 66 -7.44 5.86 -1.74
CA LYS A 66 -8.87 5.66 -1.71
C LYS A 66 -9.38 5.54 -0.25
N PRO A 67 -10.52 6.28 0.13
CA PRO A 67 -11.05 6.25 1.49
C PRO A 67 -11.63 4.89 1.99
N ALA A 68 -11.01 4.48 3.10
CA ALA A 68 -11.42 3.26 3.82
C ALA A 68 -12.79 3.48 4.49
N GLN A 69 -13.60 2.44 4.45
CA GLN A 69 -14.98 2.51 4.90
C GLN A 69 -15.38 1.25 5.68
N CYS A 70 -16.42 1.41 6.53
CA CYS A 70 -17.02 0.27 7.26
C CYS A 70 -18.12 -0.32 6.39
N ARG A 71 -18.00 -1.64 6.11
CA ARG A 71 -18.91 -2.35 5.21
C ARG A 71 -20.22 -2.86 5.87
N LYS A 72 -20.26 -2.77 7.22
CA LYS A 72 -21.39 -3.25 8.01
C LYS A 72 -22.44 -2.18 8.34
N CYS A 73 -21.94 -1.01 8.80
CA CYS A 73 -22.80 0.11 9.17
C CYS A 73 -22.96 1.14 8.07
N GLY A 74 -22.00 1.11 7.08
CA GLY A 74 -22.01 2.06 5.97
C GLY A 74 -21.16 3.28 6.22
N PHE A 75 -20.80 3.50 7.54
CA PHE A 75 -19.95 4.61 7.97
C PHE A 75 -18.61 4.67 7.20
N VAL A 76 -18.29 5.86 6.75
CA VAL A 76 -17.13 6.10 5.90
C VAL A 76 -16.03 6.81 6.65
N PHE A 77 -14.83 6.22 6.59
CA PHE A 77 -13.67 6.80 7.26
C PHE A 77 -12.79 7.57 6.31
N LYS A 78 -12.12 8.61 6.85
CA LYS A 78 -11.17 9.44 6.05
C LYS A 78 -9.95 8.60 5.65
N ALA A 79 -9.36 8.92 4.45
CA ALA A 79 -8.21 8.18 3.89
C ALA A 79 -6.95 8.39 4.75
N GLU A 80 -6.43 7.24 5.26
CA GLU A 80 -5.29 7.22 6.17
C GLU A 80 -4.18 6.28 5.64
N ILE A 81 -3.09 6.25 6.41
CA ILE A 81 -1.91 5.42 6.08
C ILE A 81 -1.89 4.15 7.00
N ASN A 82 -1.35 4.33 8.26
CA ASN A 82 -1.36 3.26 9.30
C ASN A 82 -2.85 2.92 9.59
N ILE A 83 -3.11 1.64 9.82
CA ILE A 83 -4.45 1.13 10.02
C ILE A 83 -4.83 0.96 11.53
N PRO A 84 -6.11 1.30 11.91
CA PRO A 84 -6.63 0.96 13.23
C PRO A 84 -7.13 -0.51 13.39
N SER A 85 -7.04 -1.00 14.64
CA SER A 85 -7.57 -2.33 15.02
C SER A 85 -9.07 -2.24 15.39
N ARG A 86 -9.53 -0.99 15.69
CA ARG A 86 -10.92 -0.68 16.08
C ARG A 86 -11.30 0.71 15.62
N CYS A 87 -12.61 0.85 15.25
CA CYS A 87 -13.17 2.14 14.83
C CYS A 87 -13.39 3.04 16.07
N PRO A 88 -12.84 4.35 16.08
CA PRO A 88 -13.02 5.27 17.23
C PRO A 88 -14.48 5.79 17.51
N LYS A 89 -15.35 5.71 16.48
CA LYS A 89 -16.72 6.17 16.59
C LYS A 89 -17.71 5.06 16.83
N CYS A 90 -17.78 4.11 15.84
CA CYS A 90 -18.75 3.05 15.85
C CYS A 90 -18.24 1.80 16.37
N LYS A 91 -16.82 1.64 16.36
CA LYS A 91 -16.13 0.38 16.71
C LYS A 91 -16.86 -0.84 16.07
N SER A 92 -16.09 -1.83 15.78
CA SER A 92 -16.65 -3.09 15.25
C SER A 92 -15.55 -4.04 14.85
N GLU A 93 -15.76 -4.66 13.66
CA GLU A 93 -14.93 -5.76 13.15
C GLU A 93 -14.71 -5.70 11.63
N TRP A 94 -15.75 -5.26 10.90
CA TRP A 94 -15.73 -5.22 9.43
C TRP A 94 -15.30 -3.87 8.86
N ILE A 95 -13.99 -3.79 8.58
CA ILE A 95 -13.42 -2.55 8.02
C ILE A 95 -12.77 -2.90 6.67
N GLU A 96 -12.97 -1.97 5.70
CA GLU A 96 -12.39 -2.11 4.36
C GLU A 96 -11.05 -1.38 4.31
N GLU A 97 -10.02 -2.06 3.70
CA GLU A 97 -8.69 -1.51 3.58
C GLU A 97 -8.57 -0.53 2.38
N PRO A 98 -7.71 0.58 2.51
CA PRO A 98 -7.52 1.54 1.42
C PRO A 98 -6.71 1.03 0.20
N ARG A 99 -6.86 1.78 -0.92
CA ARG A 99 -6.16 1.49 -2.16
C ARG A 99 -5.16 2.58 -2.47
N PHE A 100 -3.98 2.15 -2.93
CA PHE A 100 -2.87 3.05 -3.26
C PHE A 100 -2.60 3.07 -4.73
N LYS A 101 -2.58 4.30 -5.29
CA LYS A 101 -2.32 4.49 -6.73
C LYS A 101 -1.38 5.65 -6.96
N LEU A 102 -0.59 5.57 -8.07
CA LEU A 102 0.35 6.63 -8.46
C LEU A 102 0.01 7.14 -9.83
N GLU A 103 -0.07 8.49 -9.94
CA GLU A 103 -0.37 9.14 -11.22
C GLU A 103 0.80 10.04 -11.64
N ARG A 104 1.17 9.93 -12.93
CA ARG A 104 2.27 10.73 -13.49
C ARG A 104 1.72 11.91 -14.32
N LYS A 105 2.10 13.23 -13.88
CA LYS A 105 1.69 14.59 -14.54
C LYS A 105 2.96 15.35 -15.19
N ALA A 1 17.31 -5.27 -17.42
CA ALA A 1 18.49 -5.30 -16.51
C ALA A 1 19.50 -6.34 -16.98
N HIS A 2 20.79 -5.95 -16.98
CA HIS A 2 21.89 -6.85 -17.37
C HIS A 2 22.74 -7.30 -16.17
N HIS A 3 22.99 -6.35 -15.23
CA HIS A 3 23.77 -6.60 -14.03
C HIS A 3 22.95 -6.36 -12.80
N HIS A 4 22.79 -7.45 -12.00
CA HIS A 4 22.00 -7.40 -10.74
C HIS A 4 22.78 -8.05 -9.60
N HIS A 5 22.84 -7.31 -8.46
CA HIS A 5 23.53 -7.78 -7.25
C HIS A 5 22.59 -7.80 -6.14
N HIS A 6 22.57 -8.96 -5.34
CA HIS A 6 21.68 -9.15 -4.11
C HIS A 6 20.17 -9.14 -4.49
N HIS A 7 19.51 -10.24 -4.20
CA HIS A 7 18.07 -10.36 -4.52
C HIS A 7 17.24 -10.45 -3.25
N GLY A 8 16.16 -9.65 -3.21
CA GLY A 8 15.26 -9.67 -2.06
C GLY A 8 14.68 -8.37 -1.72
N SER A 9 15.53 -7.45 -1.18
CA SER A 9 15.10 -6.08 -0.78
C SER A 9 15.07 -5.07 -1.95
N ALA A 10 16.01 -5.26 -2.93
CA ALA A 10 16.14 -4.41 -4.12
C ALA A 10 15.07 -4.70 -5.20
N THR A 11 14.64 -5.99 -5.28
CA THR A 11 13.63 -6.49 -6.24
C THR A 11 12.18 -6.30 -5.78
N ARG A 12 12.04 -6.28 -4.38
CA ARG A 12 10.72 -6.09 -3.74
C ARG A 12 10.14 -4.71 -3.91
N ARG A 13 11.05 -3.69 -3.65
CA ARG A 13 10.70 -2.27 -3.75
C ARG A 13 10.40 -1.81 -5.18
N GLU A 14 11.23 -2.32 -6.14
CA GLU A 14 11.06 -2.06 -7.58
C GLU A 14 9.77 -2.67 -8.13
N LYS A 15 9.42 -3.91 -7.61
CA LYS A 15 8.20 -4.65 -7.99
C LYS A 15 6.92 -3.96 -7.52
N ILE A 16 7.03 -3.22 -6.37
CA ILE A 16 5.91 -2.43 -5.81
C ILE A 16 5.50 -1.26 -6.74
N ILE A 17 6.51 -0.52 -7.17
CA ILE A 17 6.35 0.64 -8.06
C ILE A 17 6.11 0.26 -9.56
N GLU A 18 6.15 -1.09 -9.82
CA GLU A 18 6.02 -1.65 -11.16
C GLU A 18 4.64 -2.22 -11.47
N LEU A 19 4.06 -2.96 -10.50
CA LEU A 19 2.74 -3.58 -10.65
C LEU A 19 1.58 -2.65 -10.25
N LEU A 20 1.90 -1.63 -9.39
CA LEU A 20 0.92 -0.69 -8.84
C LEU A 20 0.55 0.47 -9.77
N LEU A 21 1.33 0.62 -10.93
CA LEU A 21 1.12 1.67 -11.93
C LEU A 21 0.10 1.27 -13.01
N GLU A 22 -0.26 -0.05 -13.02
CA GLU A 22 -1.23 -0.61 -13.95
C GLU A 22 -2.62 -0.86 -13.31
N GLY A 23 -2.63 -1.09 -11.99
CA GLY A 23 -3.87 -1.32 -11.27
C GLY A 23 -3.72 -1.07 -9.81
N ASP A 24 -4.76 -1.47 -9.05
CA ASP A 24 -4.78 -1.31 -7.59
C ASP A 24 -4.90 -2.66 -6.95
N TYR A 25 -4.04 -2.89 -5.94
CA TYR A 25 -4.02 -4.14 -5.20
C TYR A 25 -3.82 -3.89 -3.75
N SER A 26 -4.47 -4.75 -2.94
CA SER A 26 -4.35 -4.69 -1.50
C SER A 26 -2.99 -5.30 -1.05
N PRO A 27 -2.42 -4.95 0.21
CA PRO A 27 -1.13 -5.53 0.69
C PRO A 27 -1.04 -7.08 0.67
N SER A 28 -2.16 -7.77 1.10
CA SER A 28 -2.30 -9.24 1.01
C SER A 28 -2.36 -9.77 -0.44
N GLU A 29 -2.91 -8.87 -1.35
CA GLU A 29 -3.04 -9.13 -2.79
C GLU A 29 -1.69 -9.02 -3.55
N LEU A 30 -0.86 -8.02 -3.09
CA LEU A 30 0.46 -7.79 -3.67
C LEU A 30 1.32 -8.96 -3.36
N ALA A 31 1.64 -9.21 -2.03
CA ALA A 31 2.40 -10.38 -1.54
C ALA A 31 1.88 -11.76 -2.11
N ARG A 32 0.55 -11.77 -2.59
CA ARG A 32 -0.08 -12.91 -3.27
C ARG A 32 0.50 -13.13 -4.69
N ILE A 33 0.69 -11.99 -5.43
CA ILE A 33 1.36 -11.96 -6.75
C ILE A 33 2.92 -11.89 -6.49
N LEU A 34 3.55 -12.99 -6.29
CA LEU A 34 4.98 -13.04 -5.93
C LEU A 34 5.52 -14.44 -5.98
N ASP A 35 6.86 -14.53 -5.79
CA ASP A 35 7.58 -15.82 -5.68
C ASP A 35 7.75 -16.26 -4.20
N MET A 36 7.27 -15.38 -3.26
CA MET A 36 7.36 -15.63 -1.82
C MET A 36 6.01 -16.08 -1.27
N ARG A 37 6.07 -16.76 -0.07
CA ARG A 37 4.85 -17.24 0.61
C ARG A 37 4.02 -16.07 1.23
N GLY A 38 4.73 -15.14 1.95
CA GLY A 38 4.11 -14.01 2.56
C GLY A 38 3.95 -14.13 4.04
N LYS A 39 5.06 -13.84 4.77
CA LYS A 39 5.07 -13.87 6.25
C LYS A 39 5.24 -12.44 6.80
N GLY A 40 4.14 -11.64 6.72
CA GLY A 40 4.19 -10.24 7.19
C GLY A 40 4.44 -9.30 6.03
N SER A 41 3.35 -8.78 5.49
CA SER A 41 3.37 -7.91 4.30
C SER A 41 2.52 -6.67 4.45
N LYS A 42 1.58 -6.71 5.46
CA LYS A 42 0.62 -5.63 5.72
C LYS A 42 1.25 -4.32 6.25
N LYS A 43 1.93 -4.42 7.42
CA LYS A 43 2.62 -3.28 8.06
C LYS A 43 3.95 -2.91 7.38
N VAL A 44 4.55 -3.96 6.78
CA VAL A 44 5.85 -3.87 6.06
C VAL A 44 5.71 -3.02 4.75
N ILE A 45 4.57 -3.23 4.09
CA ILE A 45 4.25 -2.47 2.86
C ILE A 45 3.84 -0.97 3.16
N LEU A 46 3.38 -0.76 4.39
CA LEU A 46 2.94 0.54 4.87
C LEU A 46 4.09 1.50 5.14
N GLU A 47 5.21 0.88 5.64
CA GLU A 47 6.47 1.59 5.90
C GLU A 47 7.25 1.84 4.60
N ASP A 48 7.01 0.91 3.59
CA ASP A 48 7.56 1.01 2.19
C ASP A 48 6.99 2.22 1.44
N LEU A 49 5.70 2.57 1.79
CA LEU A 49 5.03 3.78 1.30
C LEU A 49 5.63 5.08 1.76
N LYS A 50 6.14 5.02 3.01
CA LYS A 50 6.81 6.17 3.67
C LYS A 50 8.09 6.65 2.94
N VAL A 51 8.84 5.67 2.42
CA VAL A 51 10.09 5.87 1.67
C VAL A 51 9.87 6.32 0.24
N ILE A 52 8.87 5.68 -0.42
CA ILE A 52 8.49 5.97 -1.82
C ILE A 52 7.78 7.30 -1.99
N SER A 53 7.02 7.66 -0.95
CA SER A 53 6.29 8.96 -0.92
C SER A 53 7.24 10.20 -0.96
N LYS A 54 8.48 9.99 -0.38
CA LYS A 54 9.53 11.03 -0.34
C LYS A 54 10.20 11.27 -1.71
N ILE A 55 10.28 10.16 -2.48
CA ILE A 55 10.90 10.17 -3.83
C ILE A 55 9.89 10.54 -4.88
N ALA A 56 8.62 10.01 -4.73
CA ALA A 56 7.53 10.30 -5.67
C ALA A 56 7.15 11.82 -5.77
N LYS A 57 7.50 12.57 -4.66
CA LYS A 57 7.23 14.01 -4.53
C LYS A 57 8.41 14.90 -5.09
N ARG A 58 9.62 14.38 -4.89
CA ARG A 58 10.86 14.96 -5.52
C ARG A 58 10.89 14.66 -7.05
N GLU A 59 10.06 13.62 -7.43
CA GLU A 59 9.89 13.20 -8.83
C GLU A 59 8.72 13.91 -9.53
N GLY A 60 8.11 14.92 -8.78
CA GLY A 60 6.98 15.70 -9.30
C GLY A 60 5.73 14.89 -9.59
N MET A 61 5.53 13.78 -8.80
CA MET A 61 4.39 12.89 -8.97
C MET A 61 3.50 12.95 -7.72
N VAL A 62 2.21 12.69 -7.94
CA VAL A 62 1.21 12.75 -6.88
C VAL A 62 0.54 11.40 -6.67
N LEU A 63 0.61 10.92 -5.42
CA LEU A 63 -0.06 9.66 -5.04
C LEU A 63 -1.38 9.98 -4.33
N LEU A 64 -2.48 9.37 -4.84
CA LEU A 64 -3.83 9.58 -4.27
C LEU A 64 -4.30 8.33 -3.55
N ILE A 65 -4.79 8.53 -2.31
CA ILE A 65 -5.28 7.43 -1.46
C ILE A 65 -6.79 7.58 -1.28
N LYS A 66 -7.50 6.42 -1.48
CA LYS A 66 -8.94 6.36 -1.31
C LYS A 66 -9.31 6.21 0.16
N PRO A 67 -10.35 7.00 0.67
CA PRO A 67 -10.76 6.96 2.08
C PRO A 67 -11.42 5.66 2.60
N ALA A 68 -10.74 5.14 3.66
CA ALA A 68 -11.20 3.95 4.39
C ALA A 68 -12.48 4.29 5.16
N GLN A 69 -13.40 3.34 5.18
CA GLN A 69 -14.73 3.55 5.73
C GLN A 69 -15.22 2.33 6.53
N CYS A 70 -16.16 2.60 7.46
CA CYS A 70 -16.86 1.54 8.22
C CYS A 70 -18.10 1.14 7.42
N ARG A 71 -18.17 -0.16 7.07
CA ARG A 71 -19.27 -0.69 6.22
C ARG A 71 -20.46 -1.26 6.99
N LYS A 72 -20.39 -1.16 8.34
CA LYS A 72 -21.44 -1.66 9.24
C LYS A 72 -22.40 -0.58 9.71
N CYS A 73 -21.79 0.55 10.17
CA CYS A 73 -22.57 1.70 10.68
C CYS A 73 -22.77 2.81 9.64
N GLY A 74 -21.87 2.80 8.60
CA GLY A 74 -21.91 3.81 7.56
C GLY A 74 -20.90 4.89 7.75
N PHE A 75 -20.39 5.02 9.04
CA PHE A 75 -19.36 6.00 9.41
C PHE A 75 -18.12 5.93 8.49
N VAL A 76 -17.72 7.09 8.02
CA VAL A 76 -16.62 7.21 7.06
C VAL A 76 -15.41 7.82 7.71
N PHE A 77 -14.28 7.13 7.55
CA PHE A 77 -13.02 7.60 8.12
C PHE A 77 -12.18 8.32 7.09
N LYS A 78 -11.37 9.29 7.59
CA LYS A 78 -10.43 10.06 6.72
C LYS A 78 -9.34 9.12 6.16
N ALA A 79 -8.85 9.43 4.92
CA ALA A 79 -7.83 8.61 4.22
C ALA A 79 -6.49 8.64 4.97
N GLU A 80 -6.10 7.45 5.48
CA GLU A 80 -4.90 7.27 6.29
C GLU A 80 -3.96 6.23 5.67
N ILE A 81 -2.77 6.09 6.32
CA ILE A 81 -1.75 5.14 5.91
C ILE A 81 -1.80 3.85 6.81
N ASN A 82 -1.12 3.95 8.02
CA ASN A 82 -1.18 2.89 9.05
C ASN A 82 -2.68 2.69 9.44
N ILE A 83 -3.06 1.43 9.64
CA ILE A 83 -4.42 1.06 9.92
C ILE A 83 -4.70 0.84 11.43
N PRO A 84 -5.97 1.16 11.91
CA PRO A 84 -6.41 0.78 13.26
C PRO A 84 -6.89 -0.71 13.43
N SER A 85 -6.79 -1.18 14.67
CA SER A 85 -7.27 -2.51 15.05
C SER A 85 -8.68 -2.45 15.67
N ARG A 86 -9.04 -1.24 16.17
CA ARG A 86 -10.34 -0.97 16.82
C ARG A 86 -10.76 0.47 16.60
N CYS A 87 -12.11 0.67 16.45
CA CYS A 87 -12.69 1.99 16.30
C CYS A 87 -12.63 2.80 17.62
N PRO A 88 -12.08 4.10 17.62
CA PRO A 88 -12.05 4.95 18.85
C PRO A 88 -13.42 5.52 19.34
N LYS A 89 -14.40 5.57 18.41
CA LYS A 89 -15.74 6.07 18.72
C LYS A 89 -16.63 4.96 19.32
N CYS A 90 -16.66 3.80 18.59
CA CYS A 90 -17.46 2.68 18.97
C CYS A 90 -16.75 1.39 18.71
N LYS A 91 -17.17 0.73 17.58
CA LYS A 91 -16.75 -0.61 17.26
C LYS A 91 -16.43 -0.73 15.80
N SER A 92 -15.43 -1.62 15.50
CA SER A 92 -15.02 -1.86 14.12
C SER A 92 -14.71 -3.30 13.91
N GLU A 93 -15.20 -3.82 12.74
CA GLU A 93 -14.93 -5.23 12.31
C GLU A 93 -14.90 -5.31 10.78
N TRP A 94 -15.96 -4.75 10.15
CA TRP A 94 -16.10 -4.70 8.69
C TRP A 94 -15.75 -3.31 8.16
N ILE A 95 -14.49 -3.16 7.77
CA ILE A 95 -13.96 -1.87 7.28
C ILE A 95 -13.31 -2.06 5.94
N GLU A 96 -13.41 -1.00 5.08
CA GLU A 96 -12.82 -1.03 3.73
C GLU A 96 -11.38 -0.49 3.77
N GLU A 97 -10.46 -1.27 3.14
CA GLU A 97 -9.04 -0.90 3.09
C GLU A 97 -8.77 0.15 1.98
N PRO A 98 -7.86 1.20 2.24
CA PRO A 98 -7.52 2.20 1.22
C PRO A 98 -6.83 1.65 -0.06
N ARG A 99 -6.96 2.46 -1.14
CA ARG A 99 -6.38 2.13 -2.42
C ARG A 99 -5.22 3.05 -2.74
N PHE A 100 -4.13 2.43 -3.24
CA PHE A 100 -2.91 3.17 -3.60
C PHE A 100 -2.63 3.04 -5.06
N LYS A 101 -2.46 4.21 -5.72
CA LYS A 101 -2.18 4.26 -7.17
C LYS A 101 -1.16 5.34 -7.48
N LEU A 102 -0.46 5.18 -8.65
CA LEU A 102 0.54 6.14 -9.10
C LEU A 102 0.20 6.62 -10.48
N GLU A 103 0.33 7.93 -10.68
CA GLU A 103 0.06 8.57 -11.98
C GLU A 103 1.33 9.26 -12.49
N ARG A 104 1.63 9.03 -13.77
CA ARG A 104 2.82 9.63 -14.39
C ARG A 104 2.42 10.81 -15.29
N LYS A 105 3.02 12.09 -14.97
CA LYS A 105 2.79 13.45 -15.72
C LYS A 105 4.11 13.93 -16.48
N ALA A 1 15.01 -23.06 -14.04
CA ALA A 1 14.93 -22.66 -15.47
C ALA A 1 15.23 -21.16 -15.68
N HIS A 2 14.82 -20.32 -14.68
CA HIS A 2 15.03 -18.87 -14.74
C HIS A 2 15.97 -18.43 -13.63
N HIS A 3 16.88 -17.48 -13.99
CA HIS A 3 17.84 -16.92 -13.04
C HIS A 3 17.49 -15.47 -12.72
N HIS A 4 17.45 -15.17 -11.39
CA HIS A 4 17.11 -13.83 -10.89
C HIS A 4 18.25 -13.26 -10.05
N HIS A 5 18.47 -11.91 -10.22
CA HIS A 5 19.49 -11.18 -9.46
C HIS A 5 18.84 -10.36 -8.34
N HIS A 6 19.49 -10.39 -7.14
CA HIS A 6 18.98 -9.67 -5.95
C HIS A 6 19.88 -8.52 -5.57
N HIS A 7 19.24 -7.35 -5.33
CA HIS A 7 19.97 -6.12 -4.92
C HIS A 7 19.68 -5.76 -3.45
N GLY A 8 18.42 -6.00 -3.01
CA GLY A 8 18.02 -5.72 -1.67
C GLY A 8 16.84 -4.82 -1.59
N SER A 9 17.08 -3.59 -1.07
CA SER A 9 16.01 -2.57 -0.92
C SER A 9 15.77 -1.70 -2.16
N ALA A 10 16.84 -1.61 -3.05
CA ALA A 10 16.80 -0.82 -4.29
C ALA A 10 15.87 -1.39 -5.38
N THR A 11 15.78 -2.75 -5.43
CA THR A 11 14.93 -3.50 -6.40
C THR A 11 13.46 -3.64 -5.96
N ARG A 12 13.32 -3.83 -4.57
CA ARG A 12 11.98 -3.96 -3.96
C ARG A 12 11.18 -2.67 -4.00
N ARG A 13 11.92 -1.53 -3.73
CA ARG A 13 11.37 -0.17 -3.76
C ARG A 13 11.04 0.30 -5.19
N GLU A 14 11.93 -0.11 -6.15
CA GLU A 14 11.76 0.17 -7.59
C GLU A 14 10.57 -0.58 -8.18
N LYS A 15 10.34 -1.86 -7.67
CA LYS A 15 9.21 -2.73 -8.08
C LYS A 15 7.84 -2.15 -7.69
N ILE A 16 7.82 -1.41 -6.53
CA ILE A 16 6.61 -0.71 -6.04
C ILE A 16 6.23 0.45 -6.98
N ILE A 17 7.24 1.26 -7.36
CA ILE A 17 7.03 2.39 -8.27
C ILE A 17 6.74 1.97 -9.77
N GLU A 18 6.96 0.65 -10.02
CA GLU A 18 6.90 0.11 -11.37
C GLU A 18 5.58 -0.59 -11.69
N LEU A 19 5.04 -1.36 -10.71
CA LEU A 19 3.79 -2.10 -10.87
C LEU A 19 2.55 -1.29 -10.51
N LEU A 20 2.74 -0.22 -9.69
CA LEU A 20 1.66 0.62 -9.15
C LEU A 20 1.20 1.74 -10.08
N LEU A 21 1.97 1.97 -11.23
CA LEU A 21 1.68 3.01 -12.22
C LEU A 21 0.69 2.55 -13.31
N GLU A 22 0.43 1.20 -13.32
CA GLU A 22 -0.49 0.58 -14.27
C GLU A 22 -1.85 0.21 -13.63
N GLY A 23 -1.84 -0.03 -12.29
CA GLY A 23 -3.05 -0.37 -11.58
C GLY A 23 -2.93 -0.12 -10.13
N ASP A 24 -4.01 -0.42 -9.41
CA ASP A 24 -4.07 -0.23 -7.94
C ASP A 24 -4.13 -1.56 -7.24
N TYR A 25 -3.28 -1.72 -6.24
CA TYR A 25 -3.23 -2.96 -5.47
C TYR A 25 -3.14 -2.66 -4.03
N SER A 26 -3.75 -3.55 -3.22
CA SER A 26 -3.74 -3.44 -1.79
C SER A 26 -2.38 -3.97 -1.23
N PRO A 27 -1.94 -3.63 0.09
CA PRO A 27 -0.68 -4.15 0.68
C PRO A 27 -0.51 -5.69 0.62
N SER A 28 -1.61 -6.46 1.02
CA SER A 28 -1.66 -7.94 0.89
C SER A 28 -1.52 -8.43 -0.57
N GLU A 29 -2.08 -7.56 -1.53
CA GLU A 29 -1.97 -7.76 -2.99
C GLU A 29 -0.53 -7.50 -3.54
N LEU A 30 0.16 -6.47 -2.90
CA LEU A 30 1.57 -6.17 -3.17
C LEU A 30 2.52 -7.24 -2.59
N ALA A 31 1.86 -8.24 -1.88
CA ALA A 31 2.51 -9.41 -1.32
C ALA A 31 2.26 -10.61 -2.20
N ARG A 32 1.05 -10.63 -2.89
CA ARG A 32 0.66 -11.69 -3.85
C ARG A 32 1.59 -11.70 -5.08
N ILE A 33 1.83 -10.48 -5.66
CA ILE A 33 2.76 -10.26 -6.77
C ILE A 33 4.19 -10.09 -6.16
N LEU A 34 4.87 -11.15 -5.87
CA LEU A 34 6.23 -11.10 -5.22
C LEU A 34 6.44 -12.39 -4.42
N ASP A 35 7.42 -12.31 -3.49
CA ASP A 35 7.75 -13.37 -2.54
C ASP A 35 7.19 -12.98 -1.19
N MET A 36 6.50 -13.95 -0.54
CA MET A 36 5.84 -13.74 0.77
C MET A 36 6.72 -13.93 1.94
N ARG A 37 7.72 -14.92 1.83
CA ARG A 37 8.72 -15.27 2.91
C ARG A 37 7.98 -15.92 4.15
N GLY A 38 7.36 -15.04 4.99
CA GLY A 38 6.65 -15.46 6.15
C GLY A 38 5.70 -14.43 6.65
N LYS A 39 6.08 -13.82 7.80
CA LYS A 39 5.24 -12.81 8.48
C LYS A 39 5.87 -11.42 8.38
N GLY A 40 5.00 -10.41 8.06
CA GLY A 40 5.47 -9.03 7.96
C GLY A 40 5.50 -8.53 6.56
N SER A 41 4.32 -8.19 6.05
CA SER A 41 4.15 -7.68 4.67
C SER A 41 3.34 -6.40 4.60
N LYS A 42 2.37 -6.26 5.58
CA LYS A 42 1.45 -5.12 5.66
C LYS A 42 2.08 -3.79 6.16
N LYS A 43 2.78 -3.87 7.34
CA LYS A 43 3.43 -2.72 7.99
C LYS A 43 4.71 -2.27 7.30
N VAL A 44 5.38 -3.27 6.68
CA VAL A 44 6.65 -3.08 5.93
C VAL A 44 6.43 -2.24 4.65
N ILE A 45 5.30 -2.53 3.97
CA ILE A 45 4.91 -1.80 2.76
C ILE A 45 4.39 -0.33 3.07
N LEU A 46 3.89 -0.17 4.31
CA LEU A 46 3.34 1.08 4.80
C LEU A 46 4.42 2.11 5.08
N GLU A 47 5.58 1.58 5.61
CA GLU A 47 6.78 2.38 5.89
C GLU A 47 7.52 2.75 4.59
N ASP A 48 7.35 1.85 3.54
CA ASP A 48 7.85 2.05 2.15
C ASP A 48 7.16 3.24 1.46
N LEU A 49 5.84 3.43 1.83
CA LEU A 49 5.03 4.58 1.39
C LEU A 49 5.48 5.93 1.88
N LYS A 50 6.01 5.89 3.13
CA LYS A 50 6.57 7.07 3.82
C LYS A 50 7.82 7.62 3.10
N VAL A 51 8.63 6.68 2.54
CA VAL A 51 9.85 6.97 1.76
C VAL A 51 9.52 7.51 0.36
N ILE A 52 8.55 6.85 -0.31
CA ILE A 52 8.12 7.18 -1.67
C ILE A 52 7.37 8.53 -1.74
N SER A 53 6.57 8.80 -0.69
CA SER A 53 5.77 10.05 -0.58
C SER A 53 6.62 11.35 -0.56
N LYS A 54 7.88 11.20 0.03
CA LYS A 54 8.86 12.29 0.12
C LYS A 54 9.48 12.66 -1.23
N ILE A 55 9.67 11.61 -2.05
CA ILE A 55 10.25 11.71 -3.39
C ILE A 55 9.23 12.08 -4.42
N ALA A 56 7.98 11.49 -4.27
CA ALA A 56 6.86 11.73 -5.19
C ALA A 56 6.39 13.23 -5.28
N LYS A 57 6.69 13.99 -4.16
CA LYS A 57 6.29 15.40 -4.01
C LYS A 57 7.38 16.40 -4.57
N ARG A 58 8.61 15.98 -4.37
CA ARG A 58 9.82 16.68 -5.00
C ARG A 58 9.86 16.37 -6.54
N GLU A 59 9.16 15.23 -6.91
CA GLU A 59 9.04 14.78 -8.28
C GLU A 59 7.67 15.07 -8.90
N GLY A 60 6.88 15.93 -8.19
CA GLY A 60 5.52 16.30 -8.66
C GLY A 60 4.45 15.24 -8.55
N MET A 61 4.74 14.08 -9.28
CA MET A 61 3.80 12.90 -9.29
C MET A 61 3.16 12.68 -7.88
N VAL A 62 1.87 12.85 -7.83
CA VAL A 62 1.12 12.85 -6.57
C VAL A 62 0.51 11.51 -6.23
N LEU A 63 0.59 11.16 -4.94
CA LEU A 63 -0.02 9.94 -4.44
C LEU A 63 -1.39 10.15 -3.90
N LEU A 64 -2.37 9.38 -4.46
CA LEU A 64 -3.77 9.50 -4.04
C LEU A 64 -4.23 8.24 -3.32
N ILE A 65 -4.85 8.45 -2.16
CA ILE A 65 -5.33 7.34 -1.30
C ILE A 65 -6.85 7.36 -1.26
N LYS A 66 -7.44 6.13 -1.50
CA LYS A 66 -8.86 5.94 -1.46
C LYS A 66 -9.32 5.72 -0.01
N PRO A 67 -10.47 6.41 0.43
CA PRO A 67 -10.97 6.28 1.81
C PRO A 67 -11.55 4.93 2.25
N ALA A 68 -10.83 4.40 3.29
CA ALA A 68 -11.20 3.13 3.95
C ALA A 68 -12.59 3.29 4.60
N GLN A 69 -13.39 2.22 4.51
CA GLN A 69 -14.77 2.26 4.93
C GLN A 69 -15.15 1.04 5.73
N CYS A 70 -16.14 1.26 6.68
CA CYS A 70 -16.76 0.18 7.46
C CYS A 70 -17.99 -0.28 6.66
N ARG A 71 -17.99 -1.58 6.28
CA ARG A 71 -19.05 -2.16 5.44
C ARG A 71 -20.22 -2.78 6.23
N LYS A 72 -20.14 -2.68 7.60
CA LYS A 72 -21.15 -3.23 8.50
C LYS A 72 -22.13 -2.17 9.01
N CYS A 73 -21.54 -1.03 9.53
CA CYS A 73 -22.33 0.08 10.05
C CYS A 73 -22.57 1.18 9.03
N GLY A 74 -21.66 1.21 7.98
CA GLY A 74 -21.73 2.23 6.94
C GLY A 74 -20.80 3.36 7.15
N PHE A 75 -20.29 3.50 8.45
CA PHE A 75 -19.34 4.54 8.84
C PHE A 75 -18.07 4.58 7.94
N VAL A 76 -17.75 5.79 7.50
CA VAL A 76 -16.64 6.00 6.59
C VAL A 76 -15.48 6.61 7.33
N PHE A 77 -14.30 5.97 7.13
CA PHE A 77 -13.06 6.46 7.72
C PHE A 77 -12.27 7.28 6.73
N LYS A 78 -11.54 8.31 7.26
CA LYS A 78 -10.69 9.19 6.42
C LYS A 78 -9.46 8.42 5.90
N ALA A 79 -8.90 8.86 4.74
CA ALA A 79 -7.74 8.22 4.09
C ALA A 79 -6.45 8.43 4.92
N GLU A 80 -5.92 7.30 5.38
CA GLU A 80 -4.75 7.26 6.28
C GLU A 80 -3.63 6.42 5.67
N ILE A 81 -2.50 6.42 6.36
CA ILE A 81 -1.33 5.64 5.96
C ILE A 81 -1.15 4.36 6.83
N ASN A 82 -2.27 3.59 7.04
CA ASN A 82 -2.25 2.39 7.95
C ASN A 82 -3.53 1.57 7.81
N ILE A 83 -3.52 0.39 8.43
CA ILE A 83 -4.64 -0.49 8.49
C ILE A 83 -5.04 -0.68 10.01
N PRO A 84 -6.35 -0.44 10.38
CA PRO A 84 -6.85 -0.77 11.73
C PRO A 84 -7.17 -2.28 11.98
N SER A 85 -6.92 -2.70 13.23
CA SER A 85 -7.23 -4.06 13.70
C SER A 85 -8.57 -4.10 14.43
N ARG A 86 -8.96 -2.92 15.03
CA ARG A 86 -10.23 -2.76 15.75
C ARG A 86 -10.75 -1.36 15.57
N CYS A 87 -12.14 -1.27 15.43
CA CYS A 87 -12.86 0.00 15.31
C CYS A 87 -12.71 0.82 16.63
N PRO A 88 -12.18 2.13 16.57
CA PRO A 88 -11.94 2.97 17.79
C PRO A 88 -13.21 3.43 18.58
N LYS A 89 -14.29 3.67 17.87
CA LYS A 89 -15.59 4.06 18.45
C LYS A 89 -16.38 2.85 18.98
N CYS A 90 -16.38 1.75 18.12
CA CYS A 90 -17.06 0.57 18.39
C CYS A 90 -16.11 -0.59 18.49
N LYS A 91 -16.30 -1.56 17.58
CA LYS A 91 -15.63 -2.87 17.60
C LYS A 91 -15.73 -3.62 16.31
N SER A 92 -16.38 -2.97 15.29
CA SER A 92 -16.69 -3.58 13.99
C SER A 92 -15.49 -4.38 13.36
N GLU A 93 -15.79 -5.02 12.25
CA GLU A 93 -14.91 -6.05 11.69
C GLU A 93 -14.76 -5.96 10.17
N TRP A 94 -15.83 -5.47 9.52
CA TRP A 94 -15.87 -5.34 8.05
C TRP A 94 -15.28 -4.01 7.56
N ILE A 95 -13.98 -4.06 7.23
CA ILE A 95 -13.26 -2.85 6.80
C ILE A 95 -12.72 -3.08 5.39
N GLU A 96 -12.84 -2.01 4.57
CA GLU A 96 -12.31 -2.02 3.19
C GLU A 96 -10.94 -1.36 3.20
N GLU A 97 -9.95 -2.05 2.55
CA GLU A 97 -8.56 -1.57 2.47
C GLU A 97 -8.40 -0.40 1.48
N PRO A 98 -7.58 0.70 1.83
CA PRO A 98 -7.32 1.80 0.89
C PRO A 98 -6.52 1.39 -0.38
N ARG A 99 -6.68 2.24 -1.42
CA ARG A 99 -6.01 2.04 -2.69
C ARG A 99 -4.99 3.14 -2.93
N PHE A 100 -3.82 2.70 -3.46
CA PHE A 100 -2.73 3.62 -3.78
C PHE A 100 -2.48 3.63 -5.25
N LYS A 101 -2.41 4.85 -5.81
CA LYS A 101 -2.18 5.04 -7.27
C LYS A 101 -1.21 6.18 -7.51
N LEU A 102 -0.50 6.10 -8.68
CA LEU A 102 0.45 7.13 -9.10
C LEU A 102 0.00 7.76 -10.39
N GLU A 103 -0.06 9.10 -10.39
CA GLU A 103 -0.47 9.86 -11.58
C GLU A 103 0.60 10.86 -11.97
N ARG A 104 0.68 11.11 -13.30
CA ARG A 104 1.66 12.06 -13.85
C ARG A 104 0.96 13.37 -14.25
N LYS A 105 1.42 14.58 -13.58
CA LYS A 105 0.89 16.02 -13.80
C LYS A 105 1.99 16.97 -14.50
N ALA A 1 18.32 -19.30 -19.56
CA ALA A 1 17.58 -18.51 -18.55
C ALA A 1 17.80 -17.01 -18.78
N HIS A 2 16.68 -16.24 -18.69
CA HIS A 2 16.71 -14.78 -18.87
C HIS A 2 16.41 -13.99 -17.58
N HIS A 3 15.72 -14.68 -16.63
CA HIS A 3 15.33 -14.10 -15.35
C HIS A 3 16.28 -14.54 -14.22
N HIS A 4 16.80 -13.51 -13.51
CA HIS A 4 17.72 -13.72 -12.39
C HIS A 4 17.12 -13.20 -11.08
N HIS A 5 17.48 -13.89 -9.96
CA HIS A 5 17.00 -13.55 -8.61
C HIS A 5 18.02 -12.60 -7.91
N HIS A 6 17.53 -11.37 -7.60
CA HIS A 6 18.36 -10.33 -6.97
C HIS A 6 17.81 -9.94 -5.60
N HIS A 7 18.75 -9.78 -4.64
CA HIS A 7 18.42 -9.41 -3.26
C HIS A 7 18.97 -8.03 -2.92
N GLY A 8 18.09 -7.20 -2.35
CA GLY A 8 18.45 -5.85 -1.98
C GLY A 8 17.28 -5.06 -1.52
N SER A 9 17.59 -3.99 -0.74
CA SER A 9 16.57 -3.06 -0.20
C SER A 9 16.19 -1.91 -1.19
N ALA A 10 17.16 -1.58 -2.10
CA ALA A 10 16.99 -0.55 -3.13
C ALA A 10 16.18 -1.00 -4.36
N THR A 11 16.22 -2.35 -4.62
CA THR A 11 15.52 -3.01 -5.75
C THR A 11 14.05 -3.33 -5.43
N ARG A 12 13.85 -3.80 -4.15
CA ARG A 12 12.47 -4.13 -3.61
C ARG A 12 11.56 -2.90 -3.58
N ARG A 13 12.17 -1.71 -3.20
CA ARG A 13 11.51 -0.41 -3.22
C ARG A 13 11.25 0.11 -4.64
N GLU A 14 12.24 -0.19 -5.55
CA GLU A 14 12.14 0.14 -7.00
C GLU A 14 11.02 -0.65 -7.72
N LYS A 15 10.79 -1.92 -7.24
CA LYS A 15 9.72 -2.82 -7.73
C LYS A 15 8.31 -2.35 -7.35
N ILE A 16 8.24 -1.56 -6.21
CA ILE A 16 6.99 -0.95 -5.71
C ILE A 16 6.49 0.14 -6.63
N ILE A 17 7.41 1.01 -7.03
CA ILE A 17 7.16 2.14 -7.95
C ILE A 17 7.12 1.73 -9.45
N GLU A 18 7.25 0.37 -9.71
CA GLU A 18 7.34 -0.19 -11.02
C GLU A 18 6.07 -0.94 -11.45
N LEU A 19 5.45 -1.71 -10.48
CA LEU A 19 4.23 -2.47 -10.72
C LEU A 19 2.95 -1.67 -10.40
N LEU A 20 3.10 -0.61 -9.51
CA LEU A 20 2.02 0.22 -9.02
C LEU A 20 1.58 1.35 -10.01
N LEU A 21 2.41 1.58 -11.10
CA LEU A 21 2.17 2.59 -12.11
C LEU A 21 1.28 2.08 -13.28
N GLU A 22 1.05 0.73 -13.28
CA GLU A 22 0.20 0.06 -14.25
C GLU A 22 -1.18 -0.35 -13.69
N GLY A 23 -1.26 -0.56 -12.36
CA GLY A 23 -2.48 -0.94 -11.71
C GLY A 23 -2.43 -0.71 -10.22
N ASP A 24 -3.49 -1.16 -9.55
CA ASP A 24 -3.63 -1.02 -8.10
C ASP A 24 -3.65 -2.37 -7.44
N TYR A 25 -2.82 -2.51 -6.38
CA TYR A 25 -2.73 -3.74 -5.63
C TYR A 25 -2.67 -3.44 -4.19
N SER A 26 -3.31 -4.33 -3.39
CA SER A 26 -3.33 -4.24 -1.95
C SER A 26 -1.94 -4.64 -1.36
N PRO A 27 -1.57 -4.23 -0.04
CA PRO A 27 -0.25 -4.58 0.57
C PRO A 27 0.10 -6.10 0.55
N SER A 28 -0.93 -6.98 0.92
CA SER A 28 -0.83 -8.45 0.85
C SER A 28 -0.75 -8.98 -0.61
N GLU A 29 -1.34 -8.16 -1.55
CA GLU A 29 -1.37 -8.46 -3.00
C GLU A 29 -0.01 -8.20 -3.71
N LEU A 30 0.63 -7.08 -3.27
CA LEU A 30 1.98 -6.69 -3.79
C LEU A 30 3.01 -7.72 -3.43
N ALA A 31 3.29 -7.92 -2.10
CA ALA A 31 4.20 -8.96 -1.57
C ALA A 31 3.93 -10.41 -2.10
N ARG A 32 2.65 -10.63 -2.62
CA ARG A 32 2.21 -11.88 -3.27
C ARG A 32 2.87 -12.09 -4.66
N ILE A 33 2.94 -10.96 -5.45
CA ILE A 33 3.66 -10.89 -6.75
C ILE A 33 5.19 -10.70 -6.48
N LEU A 34 5.89 -11.79 -6.26
CA LEU A 34 7.29 -11.72 -5.83
C LEU A 34 7.95 -13.06 -5.81
N ASP A 35 7.11 -14.17 -6.00
CA ASP A 35 7.54 -15.62 -5.88
C ASP A 35 8.03 -15.96 -4.42
N MET A 36 7.46 -15.20 -3.43
CA MET A 36 7.82 -15.33 -2.02
C MET A 36 6.58 -15.43 -1.15
N ARG A 37 6.78 -16.05 0.05
CA ARG A 37 5.71 -16.20 1.05
C ARG A 37 5.80 -15.07 2.08
N GLY A 38 4.62 -14.45 2.35
CA GLY A 38 4.55 -13.31 3.24
C GLY A 38 3.61 -13.53 4.40
N LYS A 39 4.15 -13.30 5.62
CA LYS A 39 3.37 -13.42 6.88
C LYS A 39 3.09 -12.05 7.53
N GLY A 40 4.12 -11.16 7.53
CA GLY A 40 3.98 -9.83 8.05
C GLY A 40 4.60 -8.81 7.16
N SER A 41 3.80 -8.36 6.15
CA SER A 41 4.26 -7.41 5.11
C SER A 41 3.45 -6.11 5.11
N LYS A 42 2.29 -6.11 5.87
CA LYS A 42 1.32 -5.00 5.92
C LYS A 42 1.91 -3.69 6.50
N LYS A 43 2.54 -3.78 7.73
CA LYS A 43 3.17 -2.63 8.41
C LYS A 43 4.52 -2.20 7.79
N VAL A 44 5.20 -3.23 7.21
CA VAL A 44 6.51 -3.06 6.52
C VAL A 44 6.37 -2.23 5.21
N ILE A 45 5.27 -2.53 4.45
CA ILE A 45 4.97 -1.82 3.21
C ILE A 45 4.43 -0.37 3.44
N LEU A 46 3.86 -0.16 4.67
CA LEU A 46 3.25 1.09 5.07
C LEU A 46 4.28 2.15 5.42
N GLU A 47 5.41 1.67 6.02
CA GLU A 47 6.57 2.50 6.35
C GLU A 47 7.42 2.82 5.10
N ASP A 48 7.34 1.86 4.09
CA ASP A 48 7.94 2.03 2.73
C ASP A 48 7.27 3.15 1.94
N LEU A 49 5.91 3.30 2.16
CA LEU A 49 5.09 4.38 1.55
C LEU A 49 5.46 5.78 2.04
N LYS A 50 5.90 5.82 3.35
CA LYS A 50 6.40 7.07 4.01
C LYS A 50 7.66 7.63 3.35
N VAL A 51 8.54 6.68 2.87
CA VAL A 51 9.81 6.98 2.17
C VAL A 51 9.55 7.45 0.72
N ILE A 52 8.63 6.71 0.03
CA ILE A 52 8.28 6.96 -1.38
C ILE A 52 7.47 8.27 -1.55
N SER A 53 6.65 8.62 -0.52
CA SER A 53 5.81 9.84 -0.52
C SER A 53 6.63 11.15 -0.54
N LYS A 54 7.86 11.08 0.12
CA LYS A 54 8.81 12.21 0.19
C LYS A 54 9.51 12.50 -1.15
N ILE A 55 9.77 11.40 -1.90
CA ILE A 55 10.44 11.44 -3.22
C ILE A 55 9.45 11.72 -4.36
N ALA A 56 8.23 11.07 -4.29
CA ALA A 56 7.16 11.24 -5.27
C ALA A 56 6.65 12.70 -5.40
N LYS A 57 6.83 13.48 -4.32
CA LYS A 57 6.45 14.93 -4.25
C LYS A 57 7.52 15.90 -4.72
N ARG A 58 8.80 15.51 -4.42
CA ARG A 58 10.02 16.16 -5.02
C ARG A 58 10.19 15.85 -6.54
N GLU A 59 9.49 14.74 -6.95
CA GLU A 59 9.41 14.30 -8.35
C GLU A 59 8.19 14.90 -9.12
N GLY A 60 7.47 15.85 -8.40
CA GLY A 60 6.30 16.54 -8.97
C GLY A 60 5.14 15.61 -9.32
N MET A 61 4.94 14.53 -8.51
CA MET A 61 3.91 13.54 -8.73
C MET A 61 3.01 13.49 -7.49
N VAL A 62 1.73 13.20 -7.75
CA VAL A 62 0.69 13.18 -6.73
C VAL A 62 0.13 11.78 -6.55
N LEU A 63 0.17 11.30 -5.27
CA LEU A 63 -0.40 10.01 -4.91
C LEU A 63 -1.80 10.19 -4.30
N LEU A 64 -2.78 9.43 -4.87
CA LEU A 64 -4.17 9.48 -4.41
C LEU A 64 -4.54 8.19 -3.67
N ILE A 65 -5.07 8.37 -2.44
CA ILE A 65 -5.46 7.26 -1.58
C ILE A 65 -6.97 7.25 -1.44
N LYS A 66 -7.56 6.03 -1.62
CA LYS A 66 -8.99 5.83 -1.53
C LYS A 66 -9.42 5.66 -0.05
N PRO A 67 -10.56 6.36 0.39
CA PRO A 67 -11.01 6.32 1.80
C PRO A 67 -11.58 4.95 2.28
N ALA A 68 -10.95 4.54 3.41
CA ALA A 68 -11.34 3.32 4.12
C ALA A 68 -12.74 3.49 4.70
N GLN A 69 -13.53 2.40 4.62
CA GLN A 69 -14.93 2.43 4.97
C GLN A 69 -15.32 1.21 5.80
N CYS A 70 -16.30 1.43 6.72
CA CYS A 70 -16.93 0.36 7.49
C CYS A 70 -18.09 -0.21 6.68
N ARG A 71 -18.00 -1.53 6.42
CA ARG A 71 -18.95 -2.24 5.51
C ARG A 71 -20.21 -2.80 6.21
N LYS A 72 -20.24 -2.68 7.58
CA LYS A 72 -21.34 -3.17 8.41
C LYS A 72 -22.39 -2.11 8.75
N CYS A 73 -21.89 -0.92 9.24
CA CYS A 73 -22.75 0.19 9.65
C CYS A 73 -22.94 1.24 8.54
N GLY A 74 -22.00 1.23 7.54
CA GLY A 74 -22.02 2.19 6.46
C GLY A 74 -21.14 3.38 6.67
N PHE A 75 -20.75 3.61 8.00
CA PHE A 75 -19.86 4.70 8.42
C PHE A 75 -18.53 4.69 7.62
N VAL A 76 -18.19 5.89 7.14
CA VAL A 76 -17.00 6.11 6.34
C VAL A 76 -15.90 6.77 7.19
N PHE A 77 -14.71 6.19 7.09
CA PHE A 77 -13.55 6.75 7.72
C PHE A 77 -12.67 7.50 6.73
N LYS A 78 -11.97 8.54 7.27
CA LYS A 78 -11.03 9.35 6.46
C LYS A 78 -9.82 8.50 6.01
N ALA A 79 -9.29 8.81 4.78
CA ALA A 79 -8.17 8.05 4.18
C ALA A 79 -6.87 8.26 4.99
N GLU A 80 -6.38 7.11 5.52
CA GLU A 80 -5.24 7.07 6.43
C GLU A 80 -4.16 6.11 5.88
N ILE A 81 -3.04 6.05 6.63
CA ILE A 81 -1.90 5.21 6.30
C ILE A 81 -1.85 4.00 7.25
N ASN A 82 -1.30 4.22 8.50
CA ASN A 82 -1.36 3.20 9.58
C ASN A 82 -2.82 2.96 9.95
N ILE A 83 -3.14 1.69 10.26
CA ILE A 83 -4.50 1.26 10.49
C ILE A 83 -4.81 1.09 12.01
N PRO A 84 -6.13 1.38 12.44
CA PRO A 84 -6.59 1.06 13.78
C PRO A 84 -6.98 -0.44 13.98
N SER A 85 -7.00 -0.86 15.28
CA SER A 85 -7.41 -2.20 15.70
C SER A 85 -8.93 -2.28 15.98
N ARG A 86 -9.51 -1.07 16.27
CA ARG A 86 -10.94 -0.92 16.58
C ARG A 86 -11.44 0.47 16.17
N CYS A 87 -12.77 0.54 15.88
CA CYS A 87 -13.45 1.79 15.57
C CYS A 87 -13.73 2.60 16.87
N PRO A 88 -13.62 4.01 16.84
CA PRO A 88 -13.93 4.86 18.03
C PRO A 88 -15.44 4.96 18.41
N LYS A 89 -16.31 4.57 17.42
CA LYS A 89 -17.77 4.54 17.65
C LYS A 89 -18.21 3.20 18.28
N CYS A 90 -18.05 2.08 17.52
CA CYS A 90 -18.36 0.74 17.97
C CYS A 90 -17.10 -0.14 17.91
N LYS A 91 -17.33 -1.47 18.09
CA LYS A 91 -16.27 -2.47 18.02
C LYS A 91 -16.34 -3.29 16.72
N SER A 92 -16.93 -2.63 15.64
CA SER A 92 -17.05 -3.24 14.31
C SER A 92 -15.65 -3.48 13.68
N GLU A 93 -15.35 -4.80 13.55
CA GLU A 93 -14.03 -5.24 13.03
C GLU A 93 -13.99 -5.43 11.48
N TRP A 94 -15.15 -5.06 10.81
CA TRP A 94 -15.29 -5.16 9.36
C TRP A 94 -14.99 -3.82 8.66
N ILE A 95 -13.71 -3.66 8.35
CA ILE A 95 -13.21 -2.43 7.74
C ILE A 95 -12.56 -2.77 6.39
N GLU A 96 -12.77 -1.84 5.42
CA GLU A 96 -12.18 -1.94 4.09
C GLU A 96 -10.83 -1.21 4.06
N GLU A 97 -9.81 -1.90 3.50
CA GLU A 97 -8.44 -1.37 3.43
C GLU A 97 -8.28 -0.38 2.25
N PRO A 98 -7.51 0.80 2.46
CA PRO A 98 -7.28 1.79 1.39
C PRO A 98 -6.44 1.26 0.19
N ARG A 99 -6.58 1.97 -0.94
CA ARG A 99 -5.89 1.66 -2.17
C ARG A 99 -4.90 2.78 -2.50
N PHE A 100 -3.72 2.33 -2.97
CA PHE A 100 -2.62 3.23 -3.33
C PHE A 100 -2.33 3.14 -4.81
N LYS A 101 -2.27 4.33 -5.45
CA LYS A 101 -1.99 4.45 -6.89
C LYS A 101 -1.07 5.64 -7.16
N LEU A 102 -0.26 5.52 -8.26
CA LEU A 102 0.65 6.56 -8.69
C LEU A 102 0.31 7.02 -10.09
N GLU A 103 0.22 8.37 -10.24
CA GLU A 103 -0.09 8.99 -11.52
C GLU A 103 1.03 9.92 -11.95
N ARG A 104 1.36 9.82 -13.27
CA ARG A 104 2.42 10.66 -13.87
C ARG A 104 1.83 11.89 -14.59
N LYS A 105 2.25 13.18 -14.09
CA LYS A 105 1.81 14.58 -14.63
C LYS A 105 3.03 15.37 -15.31
N ALA A 1 11.43 -18.76 -19.88
CA ALA A 1 11.92 -18.75 -18.48
C ALA A 1 12.97 -17.65 -18.26
N HIS A 2 12.82 -16.93 -17.12
CA HIS A 2 13.71 -15.83 -16.69
C HIS A 2 14.46 -16.20 -15.40
N HIS A 3 15.80 -15.91 -15.42
CA HIS A 3 16.72 -16.17 -14.30
C HIS A 3 17.22 -14.86 -13.68
N HIS A 4 17.11 -14.82 -12.33
CA HIS A 4 17.49 -13.65 -11.47
C HIS A 4 18.69 -13.98 -10.56
N HIS A 5 19.74 -13.13 -10.71
CA HIS A 5 21.00 -13.20 -9.92
C HIS A 5 21.15 -11.94 -9.06
N HIS A 6 21.56 -12.16 -7.74
CA HIS A 6 21.75 -11.12 -6.60
C HIS A 6 20.43 -10.46 -6.13
N HIS A 7 20.26 -10.38 -4.77
CA HIS A 7 19.08 -9.76 -4.11
C HIS A 7 19.42 -8.39 -3.53
N GLY A 8 18.56 -7.41 -3.92
CA GLY A 8 18.68 -6.01 -3.50
C GLY A 8 17.42 -5.47 -2.86
N SER A 9 17.64 -4.63 -1.80
CA SER A 9 16.59 -3.93 -0.98
C SER A 9 16.05 -2.62 -1.66
N ALA A 10 16.94 -1.98 -2.53
CA ALA A 10 16.66 -0.75 -3.34
C ALA A 10 15.77 -1.02 -4.60
N THR A 11 15.89 -2.29 -5.19
CA THR A 11 15.09 -2.81 -6.38
C THR A 11 13.62 -3.16 -5.99
N ARG A 12 13.46 -3.85 -4.77
CA ARG A 12 12.09 -4.21 -4.16
C ARG A 12 11.13 -2.94 -4.05
N ARG A 13 11.75 -1.74 -3.65
CA ARG A 13 11.08 -0.37 -3.61
C ARG A 13 10.80 0.20 -5.06
N GLU A 14 11.77 -0.12 -6.01
CA GLU A 14 11.71 0.20 -7.49
C GLU A 14 10.55 -0.57 -8.23
N LYS A 15 10.26 -1.86 -7.74
CA LYS A 15 9.15 -2.78 -8.20
C LYS A 15 7.73 -2.21 -7.87
N ILE A 16 7.58 -1.53 -6.64
CA ILE A 16 6.31 -0.81 -6.16
C ILE A 16 6.00 0.41 -7.16
N ILE A 17 7.07 1.24 -7.47
CA ILE A 17 7.03 2.41 -8.43
C ILE A 17 6.87 1.98 -9.98
N GLU A 18 7.15 0.65 -10.28
CA GLU A 18 7.14 0.05 -11.67
C GLU A 18 5.79 -0.64 -12.02
N LEU A 19 5.16 -1.42 -11.04
CA LEU A 19 3.84 -2.15 -11.21
C LEU A 19 2.56 -1.30 -10.90
N LEU A 20 2.71 -0.30 -9.95
CA LEU A 20 1.60 0.61 -9.47
C LEU A 20 1.24 1.82 -10.39
N LEU A 21 2.08 2.13 -11.48
CA LEU A 21 1.88 3.21 -12.51
C LEU A 21 0.94 2.73 -13.69
N GLU A 22 0.74 1.37 -13.78
CA GLU A 22 -0.12 0.67 -14.78
C GLU A 22 -1.52 0.30 -14.19
N GLY A 23 -1.57 0.05 -12.83
CA GLY A 23 -2.81 -0.32 -12.10
C GLY A 23 -2.74 -0.05 -10.59
N ASP A 24 -3.89 -0.30 -9.90
CA ASP A 24 -4.05 -0.12 -8.43
C ASP A 24 -4.12 -1.50 -7.74
N TYR A 25 -3.24 -1.69 -6.71
CA TYR A 25 -3.11 -2.93 -5.89
C TYR A 25 -2.99 -2.57 -4.40
N SER A 26 -3.68 -3.39 -3.56
CA SER A 26 -3.75 -3.27 -2.06
C SER A 26 -2.44 -3.80 -1.35
N PRO A 27 -2.06 -3.47 0.03
CA PRO A 27 -0.79 -3.98 0.71
C PRO A 27 -0.56 -5.54 0.61
N SER A 28 -1.65 -6.36 0.94
CA SER A 28 -1.69 -7.87 0.79
C SER A 28 -1.47 -8.35 -0.71
N GLU A 29 -2.01 -7.52 -1.71
CA GLU A 29 -1.83 -7.73 -3.22
C GLU A 29 -0.36 -7.44 -3.67
N LEU A 30 0.26 -6.42 -2.98
CA LEU A 30 1.72 -6.04 -3.07
C LEU A 30 2.73 -7.11 -2.47
N ALA A 31 2.12 -8.14 -1.76
CA ALA A 31 2.76 -9.33 -1.17
C ALA A 31 2.59 -10.56 -2.10
N ARG A 32 1.40 -10.65 -2.83
CA ARG A 32 1.04 -11.72 -3.83
C ARG A 32 2.03 -11.71 -5.06
N ILE A 33 2.26 -10.47 -5.68
CA ILE A 33 3.28 -10.17 -6.74
C ILE A 33 4.69 -9.92 -6.00
N LEU A 34 5.39 -11.05 -5.57
CA LEU A 34 6.71 -11.15 -4.79
C LEU A 34 7.03 -12.61 -4.30
N ASP A 35 8.31 -12.83 -3.79
CA ASP A 35 8.81 -14.10 -3.19
C ASP A 35 8.78 -13.94 -1.62
N MET A 36 7.58 -14.31 -1.06
CA MET A 36 7.26 -14.20 0.39
C MET A 36 7.04 -15.57 1.06
N ARG A 37 7.58 -15.68 2.32
CA ARG A 37 7.50 -16.89 3.20
C ARG A 37 6.40 -16.77 4.28
N GLY A 38 6.15 -15.52 4.82
CA GLY A 38 5.14 -15.23 5.86
C GLY A 38 5.73 -14.71 7.17
N LYS A 39 6.42 -13.53 7.09
CA LYS A 39 7.06 -12.83 8.24
C LYS A 39 6.38 -11.48 8.58
N GLY A 40 6.00 -10.70 7.52
CA GLY A 40 5.36 -9.38 7.65
C GLY A 40 5.45 -8.61 6.35
N SER A 41 4.26 -8.30 5.78
CA SER A 41 4.10 -7.56 4.49
C SER A 41 3.19 -6.30 4.61
N LYS A 42 2.25 -6.26 5.64
CA LYS A 42 1.25 -5.15 5.88
C LYS A 42 1.86 -3.80 6.42
N LYS A 43 2.50 -3.83 7.65
CA LYS A 43 3.18 -2.65 8.35
C LYS A 43 4.55 -2.22 7.71
N VAL A 44 5.30 -3.25 7.17
CA VAL A 44 6.67 -3.10 6.46
C VAL A 44 6.52 -2.24 5.12
N ILE A 45 5.40 -2.54 4.34
CA ILE A 45 5.04 -1.83 3.05
C ILE A 45 4.55 -0.31 3.31
N LEU A 46 3.74 -0.09 4.42
CA LEU A 46 3.20 1.23 4.92
C LEU A 46 4.31 2.25 5.33
N GLU A 47 5.42 1.70 6.01
CA GLU A 47 6.68 2.48 6.39
C GLU A 47 7.58 2.75 5.14
N ASP A 48 7.50 1.80 4.10
CA ASP A 48 8.12 1.94 2.72
C ASP A 48 7.44 3.09 1.90
N LEU A 49 6.06 3.27 2.15
CA LEU A 49 5.19 4.35 1.58
C LEU A 49 5.54 5.78 2.10
N LYS A 50 5.98 5.85 3.42
CA LYS A 50 6.46 7.10 4.15
C LYS A 50 7.76 7.71 3.51
N VAL A 51 8.69 6.77 3.04
CA VAL A 51 9.98 7.06 2.31
C VAL A 51 9.74 7.43 0.82
N ILE A 52 8.82 6.63 0.09
CA ILE A 52 8.42 6.85 -1.38
C ILE A 52 7.62 8.21 -1.55
N SER A 53 6.66 8.53 -0.58
CA SER A 53 5.83 9.83 -0.56
C SER A 53 6.69 11.15 -0.54
N LYS A 54 7.91 11.07 0.13
CA LYS A 54 8.92 12.19 0.24
C LYS A 54 9.73 12.42 -1.08
N ILE A 55 10.04 11.28 -1.84
CA ILE A 55 10.77 11.30 -3.18
C ILE A 55 9.74 11.66 -4.34
N ALA A 56 8.44 11.11 -4.24
CA ALA A 56 7.29 11.32 -5.20
C ALA A 56 6.76 12.79 -5.33
N LYS A 57 6.87 13.61 -4.21
CA LYS A 57 6.43 15.06 -4.15
C LYS A 57 7.60 16.01 -4.70
N ARG A 58 8.86 15.54 -4.40
CA ARG A 58 10.18 16.11 -4.93
C ARG A 58 10.37 15.87 -6.49
N GLU A 59 9.76 14.74 -6.95
CA GLU A 59 9.69 14.28 -8.38
C GLU A 59 8.46 14.93 -9.16
N GLY A 60 7.73 15.88 -8.42
CA GLY A 60 6.52 16.63 -8.92
C GLY A 60 5.29 15.78 -9.29
N MET A 61 5.05 14.67 -8.51
CA MET A 61 3.98 13.66 -8.71
C MET A 61 3.09 13.61 -7.46
N VAL A 62 1.76 13.42 -7.71
CA VAL A 62 0.71 13.38 -6.66
C VAL A 62 0.13 11.97 -6.51
N LEU A 63 0.20 11.48 -5.22
CA LEU A 63 -0.35 10.17 -4.79
C LEU A 63 -1.70 10.37 -4.09
N LEU A 64 -2.72 9.68 -4.66
CA LEU A 64 -4.10 9.71 -4.18
C LEU A 64 -4.44 8.37 -3.54
N ILE A 65 -4.90 8.50 -2.28
CA ILE A 65 -5.29 7.36 -1.39
C ILE A 65 -6.85 7.34 -1.32
N LYS A 66 -7.41 6.12 -1.62
CA LYS A 66 -8.87 5.84 -1.63
C LYS A 66 -9.42 5.66 -0.16
N PRO A 67 -10.61 6.36 0.32
CA PRO A 67 -11.09 6.29 1.74
C PRO A 67 -11.57 4.91 2.24
N ALA A 68 -10.89 4.48 3.37
CA ALA A 68 -11.20 3.18 4.11
C ALA A 68 -12.65 3.23 4.66
N GLN A 69 -13.40 2.09 4.57
CA GLN A 69 -14.86 2.03 4.92
C GLN A 69 -15.25 0.78 5.70
N CYS A 70 -16.26 0.98 6.62
CA CYS A 70 -16.91 -0.09 7.42
C CYS A 70 -18.12 -0.60 6.59
N ARG A 71 -18.03 -1.92 6.24
CA ARG A 71 -19.00 -2.67 5.37
C ARG A 71 -20.22 -3.31 6.12
N LYS A 72 -20.15 -3.34 7.49
CA LYS A 72 -21.18 -3.93 8.41
C LYS A 72 -22.24 -2.90 8.90
N CYS A 73 -21.76 -1.68 9.34
CA CYS A 73 -22.62 -0.55 9.80
C CYS A 73 -22.92 0.50 8.69
N GLY A 74 -21.96 0.61 7.70
CA GLY A 74 -22.07 1.60 6.58
C GLY A 74 -21.18 2.83 6.77
N PHE A 75 -20.78 3.10 8.09
CA PHE A 75 -19.90 4.24 8.53
C PHE A 75 -18.59 4.40 7.67
N VAL A 76 -18.44 5.65 7.15
CA VAL A 76 -17.31 6.04 6.24
C VAL A 76 -16.26 6.82 7.07
N PHE A 77 -15.04 6.20 7.04
CA PHE A 77 -13.84 6.73 7.71
C PHE A 77 -12.88 7.38 6.69
N LYS A 78 -12.16 8.44 7.15
CA LYS A 78 -11.16 9.21 6.33
C LYS A 78 -9.92 8.37 5.90
N ALA A 79 -9.46 8.54 4.60
CA ALA A 79 -8.29 7.80 3.96
C ALA A 79 -6.98 7.95 4.79
N GLU A 80 -6.62 6.79 5.39
CA GLU A 80 -5.48 6.66 6.32
C GLU A 80 -4.39 5.67 5.83
N ILE A 81 -3.26 5.71 6.58
CA ILE A 81 -2.06 4.84 6.34
C ILE A 81 -2.14 3.67 7.39
N ASN A 82 -1.56 3.88 8.63
CA ASN A 82 -1.68 2.89 9.81
C ASN A 82 -3.21 2.62 10.17
N ILE A 83 -3.59 1.35 10.60
CA ILE A 83 -5.04 0.98 10.84
C ILE A 83 -5.36 0.99 12.40
N PRO A 84 -6.55 1.67 12.90
CA PRO A 84 -6.99 1.62 14.35
C PRO A 84 -7.54 0.22 14.76
N SER A 85 -7.17 -0.26 16.00
CA SER A 85 -7.58 -1.60 16.59
C SER A 85 -9.13 -1.73 16.90
N ARG A 86 -9.75 -0.55 17.28
CA ARG A 86 -11.21 -0.39 17.62
C ARG A 86 -11.69 1.03 17.29
N CYS A 87 -12.73 1.17 16.38
CA CYS A 87 -13.45 2.46 16.04
C CYS A 87 -14.19 3.06 17.34
N PRO A 88 -14.52 4.49 17.56
CA PRO A 88 -15.18 5.03 18.84
C PRO A 88 -16.52 4.31 19.26
N LYS A 89 -17.46 4.12 18.28
CA LYS A 89 -18.71 3.33 18.37
C LYS A 89 -18.61 2.24 17.28
N CYS A 90 -19.09 0.93 17.55
CA CYS A 90 -18.97 -0.31 16.64
C CYS A 90 -17.49 -0.76 16.56
N LYS A 91 -17.27 -2.06 16.77
CA LYS A 91 -15.89 -2.68 16.79
C LYS A 91 -15.71 -3.79 15.68
N SER A 92 -16.27 -3.47 14.45
CA SER A 92 -16.22 -4.34 13.23
C SER A 92 -14.78 -4.57 12.70
N GLU A 93 -14.47 -5.90 12.56
CA GLU A 93 -13.16 -6.42 12.07
C GLU A 93 -13.11 -6.53 10.51
N TRP A 94 -14.27 -6.12 9.86
CA TRP A 94 -14.48 -6.08 8.42
C TRP A 94 -14.49 -4.58 8.00
N ILE A 95 -13.25 -4.16 7.68
CA ILE A 95 -12.91 -2.79 7.20
C ILE A 95 -12.13 -2.97 5.88
N GLU A 96 -12.38 -2.01 4.92
CA GLU A 96 -11.76 -1.97 3.58
C GLU A 96 -10.39 -1.27 3.64
N GLU A 97 -9.35 -1.96 3.07
CA GLU A 97 -7.94 -1.48 3.05
C GLU A 97 -7.70 -0.39 1.94
N PRO A 98 -6.97 0.83 2.26
CA PRO A 98 -6.73 1.96 1.27
C PRO A 98 -5.87 1.56 0.04
N ARG A 99 -6.08 2.29 -1.12
CA ARG A 99 -5.41 2.05 -2.40
C ARG A 99 -4.49 3.22 -2.74
N PHE A 100 -3.26 2.83 -3.13
CA PHE A 100 -2.16 3.78 -3.48
C PHE A 100 -1.85 3.65 -4.98
N LYS A 101 -1.94 4.82 -5.67
CA LYS A 101 -1.73 4.97 -7.15
C LYS A 101 -0.82 6.18 -7.45
N LEU A 102 -0.03 6.06 -8.57
CA LEU A 102 0.88 7.11 -9.06
C LEU A 102 0.48 7.53 -10.47
N GLU A 103 0.35 8.87 -10.64
CA GLU A 103 -0.04 9.50 -11.92
C GLU A 103 1.06 10.43 -12.42
N ARG A 104 1.42 10.23 -13.71
CA ARG A 104 2.46 11.01 -14.45
C ARG A 104 1.84 12.17 -15.26
N LYS A 105 2.24 13.50 -14.86
CA LYS A 105 1.79 14.84 -15.50
C LYS A 105 3.02 15.61 -16.21
N ALA A 1 12.10 -22.97 -9.21
CA ALA A 1 13.15 -22.20 -8.50
C ALA A 1 14.52 -22.46 -9.13
N HIS A 2 15.32 -21.38 -9.27
CA HIS A 2 16.67 -21.48 -9.85
C HIS A 2 17.73 -21.23 -8.79
N HIS A 3 18.99 -21.65 -9.10
CA HIS A 3 20.15 -21.44 -8.23
C HIS A 3 20.58 -19.94 -8.15
N HIS A 4 20.34 -19.21 -9.27
CA HIS A 4 20.62 -17.78 -9.38
C HIS A 4 19.34 -16.96 -9.40
N HIS A 5 19.22 -16.08 -8.38
CA HIS A 5 18.05 -15.20 -8.22
C HIS A 5 18.49 -13.73 -8.26
N HIS A 6 17.51 -12.82 -8.55
CA HIS A 6 17.76 -11.37 -8.59
C HIS A 6 17.56 -10.71 -7.22
N HIS A 7 18.65 -10.07 -6.73
CA HIS A 7 18.64 -9.41 -5.42
C HIS A 7 18.91 -7.91 -5.56
N GLY A 8 18.13 -7.12 -4.80
CA GLY A 8 18.29 -5.68 -4.83
C GLY A 8 17.30 -4.98 -3.97
N SER A 9 17.83 -4.15 -3.04
CA SER A 9 16.99 -3.34 -2.12
C SER A 9 16.54 -2.00 -2.73
N ALA A 10 17.40 -1.45 -3.64
CA ALA A 10 17.13 -0.18 -4.34
C ALA A 10 16.18 -0.35 -5.56
N THR A 11 16.20 -1.58 -6.14
CA THR A 11 15.36 -1.95 -7.30
C THR A 11 13.93 -2.35 -6.91
N ARG A 12 13.84 -3.02 -5.71
CA ARG A 12 12.53 -3.45 -5.13
C ARG A 12 11.58 -2.27 -4.89
N ARG A 13 12.19 -1.11 -4.46
CA ARG A 13 11.48 0.17 -4.30
C ARG A 13 11.09 0.80 -5.65
N GLU A 14 12.00 0.59 -6.66
CA GLU A 14 11.77 1.03 -8.06
C GLU A 14 10.60 0.27 -8.72
N LYS A 15 10.43 -1.04 -8.32
CA LYS A 15 9.35 -1.90 -8.83
C LYS A 15 7.96 -1.48 -8.33
N ILE A 16 7.94 -0.85 -7.11
CA ILE A 16 6.70 -0.34 -6.50
C ILE A 16 6.15 0.86 -7.31
N ILE A 17 7.05 1.79 -7.67
CA ILE A 17 6.72 3.00 -8.43
C ILE A 17 6.58 2.73 -9.97
N GLU A 18 6.72 1.42 -10.35
CA GLU A 18 6.72 0.99 -11.74
C GLU A 18 5.45 0.23 -12.13
N LEU A 19 4.96 -0.64 -11.21
CA LEU A 19 3.76 -1.45 -11.43
C LEU A 19 2.47 -0.75 -10.97
N LEU A 20 2.63 0.28 -10.07
CA LEU A 20 1.54 1.01 -9.46
C LEU A 20 1.00 2.17 -10.30
N LEU A 21 1.73 2.53 -11.43
CA LEU A 21 1.37 3.60 -12.32
C LEU A 21 0.40 3.16 -13.44
N GLU A 22 0.20 1.81 -13.53
CA GLU A 22 -0.70 1.20 -14.50
C GLU A 22 -2.03 0.73 -13.88
N GLY A 23 -2.01 0.42 -12.57
CA GLY A 23 -3.19 -0.01 -11.87
C GLY A 23 -3.04 0.07 -10.38
N ASP A 24 -4.06 -0.42 -9.65
CA ASP A 24 -4.06 -0.43 -8.21
C ASP A 24 -3.93 -1.85 -7.68
N TYR A 25 -3.00 -2.02 -6.72
CA TYR A 25 -2.77 -3.30 -6.10
C TYR A 25 -2.56 -3.14 -4.65
N SER A 26 -3.09 -4.10 -3.87
CA SER A 26 -2.96 -4.13 -2.44
C SER A 26 -1.52 -4.61 -2.02
N PRO A 27 -1.02 -4.33 -0.73
CA PRO A 27 0.32 -4.81 -0.29
C PRO A 27 0.58 -6.34 -0.45
N SER A 28 -0.47 -7.17 -0.08
CA SER A 28 -0.46 -8.62 -0.28
C SER A 28 -0.42 -9.01 -1.79
N GLU A 29 -1.01 -8.10 -2.64
CA GLU A 29 -1.01 -8.23 -4.11
C GLU A 29 0.36 -7.83 -4.74
N LEU A 30 1.00 -6.78 -4.11
CA LEU A 30 2.39 -6.39 -4.44
C LEU A 30 3.42 -7.46 -3.97
N ALA A 31 2.87 -8.51 -3.29
CA ALA A 31 3.62 -9.67 -2.87
C ALA A 31 3.39 -10.85 -3.79
N ARG A 32 2.17 -10.88 -4.45
CA ARG A 32 1.80 -11.92 -5.45
C ARG A 32 2.66 -11.84 -6.71
N ILE A 33 2.86 -10.58 -7.23
CA ILE A 33 3.74 -10.29 -8.36
C ILE A 33 5.22 -10.22 -7.87
N LEU A 34 5.83 -11.36 -7.65
CA LEU A 34 7.20 -11.43 -7.09
C LEU A 34 7.54 -12.85 -6.66
N ASP A 35 8.77 -13.01 -6.11
CA ASP A 35 9.25 -14.27 -5.56
C ASP A 35 9.53 -14.12 -4.02
N MET A 36 8.58 -13.49 -3.32
CA MET A 36 8.73 -13.19 -1.88
C MET A 36 7.67 -13.90 -1.04
N ARG A 37 7.96 -14.02 0.28
CA ARG A 37 7.03 -14.59 1.24
C ARG A 37 6.39 -13.47 2.05
N GLY A 38 5.10 -13.68 2.44
CA GLY A 38 4.35 -12.68 3.18
C GLY A 38 4.56 -12.81 4.64
N LYS A 39 3.40 -12.92 5.40
CA LYS A 39 3.37 -13.04 6.91
C LYS A 39 4.10 -11.84 7.60
N GLY A 40 3.49 -10.65 7.46
CA GLY A 40 4.09 -9.43 8.01
C GLY A 40 4.74 -8.55 6.98
N SER A 41 3.96 -8.21 5.94
CA SER A 41 4.42 -7.42 4.79
C SER A 41 3.65 -6.11 4.65
N LYS A 42 2.48 -6.04 5.33
CA LYS A 42 1.54 -4.88 5.25
C LYS A 42 2.14 -3.58 5.82
N LYS A 43 2.85 -3.70 6.99
CA LYS A 43 3.51 -2.57 7.66
C LYS A 43 4.77 -2.08 6.92
N VAL A 44 5.40 -3.04 6.20
CA VAL A 44 6.63 -2.79 5.40
C VAL A 44 6.35 -1.86 4.19
N ILE A 45 5.21 -2.15 3.52
CA ILE A 45 4.78 -1.39 2.33
C ILE A 45 4.24 -0.02 2.71
N LEU A 46 3.49 0.02 3.82
CA LEU A 46 2.89 1.25 4.35
C LEU A 46 3.95 2.28 4.77
N GLU A 47 5.09 1.76 5.32
CA GLU A 47 6.27 2.55 5.67
C GLU A 47 7.07 2.96 4.41
N ASP A 48 6.95 2.09 3.33
CA ASP A 48 7.50 2.37 1.99
C ASP A 48 6.79 3.54 1.30
N LEU A 49 5.47 3.72 1.66
CA LEU A 49 4.64 4.85 1.21
C LEU A 49 5.08 6.18 1.75
N LYS A 50 5.61 6.13 2.99
CA LYS A 50 6.15 7.31 3.70
C LYS A 50 7.35 7.94 2.99
N VAL A 51 8.19 7.05 2.39
CA VAL A 51 9.40 7.42 1.63
C VAL A 51 9.06 8.00 0.25
N ILE A 52 8.11 7.34 -0.45
CA ILE A 52 7.69 7.71 -1.81
C ILE A 52 6.84 9.00 -1.81
N SER A 53 6.06 9.22 -0.72
CA SER A 53 5.20 10.41 -0.56
C SER A 53 6.01 11.73 -0.48
N LYS A 54 7.26 11.63 0.11
CA LYS A 54 8.19 12.76 0.23
C LYS A 54 8.80 13.18 -1.10
N ILE A 55 9.02 12.16 -1.97
CA ILE A 55 9.58 12.36 -3.31
C ILE A 55 8.50 12.75 -4.32
N ALA A 56 7.30 12.10 -4.21
CA ALA A 56 6.16 12.35 -5.10
C ALA A 56 5.67 13.83 -5.10
N LYS A 57 5.93 14.52 -3.96
CA LYS A 57 5.52 15.94 -3.76
C LYS A 57 6.53 16.97 -4.23
N ARG A 58 7.82 16.61 -4.04
CA ARG A 58 8.96 17.36 -4.66
C ARG A 58 9.02 17.14 -6.21
N GLU A 59 8.34 16.02 -6.64
CA GLU A 59 8.23 15.65 -8.04
C GLU A 59 6.84 15.93 -8.63
N GLY A 60 6.01 16.70 -7.84
CA GLY A 60 4.66 17.07 -8.29
C GLY A 60 3.62 15.96 -8.24
N MET A 61 3.95 14.86 -9.05
CA MET A 61 3.06 13.66 -9.15
C MET A 61 2.45 13.28 -7.76
N VAL A 62 1.14 13.39 -7.69
CA VAL A 62 0.40 13.27 -6.43
C VAL A 62 -0.27 11.91 -6.32
N LEU A 63 -0.13 11.30 -5.13
CA LEU A 63 -0.75 10.01 -4.83
C LEU A 63 -2.13 10.22 -4.17
N LEU A 64 -3.17 9.59 -4.76
CA LEU A 64 -4.54 9.68 -4.24
C LEU A 64 -4.92 8.43 -3.46
N ILE A 65 -5.42 8.66 -2.22
CA ILE A 65 -5.79 7.57 -1.32
C ILE A 65 -7.32 7.55 -1.15
N LYS A 66 -7.91 6.35 -1.39
CA LYS A 66 -9.32 6.14 -1.23
C LYS A 66 -9.67 5.86 0.24
N PRO A 67 -10.78 6.51 0.79
CA PRO A 67 -11.15 6.38 2.21
C PRO A 67 -11.66 4.99 2.65
N ALA A 68 -10.94 4.51 3.69
CA ALA A 68 -11.24 3.23 4.36
C ALA A 68 -12.53 3.36 5.15
N GLN A 69 -13.31 2.29 5.12
CA GLN A 69 -14.66 2.29 5.71
C GLN A 69 -14.95 0.96 6.43
N CYS A 70 -15.92 1.03 7.36
CA CYS A 70 -16.46 -0.17 8.02
C CYS A 70 -17.65 -0.70 7.20
N ARG A 71 -17.56 -2.00 6.83
CA ARG A 71 -18.55 -2.63 5.93
C ARG A 71 -19.73 -3.29 6.67
N LYS A 72 -19.66 -3.29 8.03
CA LYS A 72 -20.66 -3.90 8.90
C LYS A 72 -21.72 -2.90 9.40
N CYS A 73 -21.21 -1.76 9.93
CA CYS A 73 -22.09 -0.71 10.49
C CYS A 73 -22.41 0.40 9.49
N GLY A 74 -21.53 0.52 8.44
CA GLY A 74 -21.69 1.57 7.44
C GLY A 74 -20.82 2.76 7.70
N PHE A 75 -20.33 2.89 9.00
CA PHE A 75 -19.45 3.98 9.44
C PHE A 75 -18.21 4.13 8.52
N VAL A 76 -17.98 5.38 8.12
CA VAL A 76 -16.92 5.70 7.17
C VAL A 76 -15.78 6.38 7.88
N PHE A 77 -14.59 5.82 7.67
CA PHE A 77 -13.36 6.39 8.25
C PHE A 77 -12.65 7.30 7.27
N LYS A 78 -11.96 8.32 7.81
CA LYS A 78 -11.17 9.26 6.99
C LYS A 78 -9.97 8.53 6.35
N ALA A 79 -9.57 9.00 5.12
CA ALA A 79 -8.48 8.37 4.34
C ALA A 79 -7.12 8.49 5.07
N GLU A 80 -6.65 7.31 5.54
CA GLU A 80 -5.45 7.21 6.37
C GLU A 80 -4.42 6.27 5.70
N ILE A 81 -3.26 6.16 6.37
CA ILE A 81 -2.15 5.34 5.90
C ILE A 81 -2.05 4.06 6.76
N ASN A 82 -1.40 4.17 7.96
CA ASN A 82 -1.37 3.07 8.96
C ASN A 82 -2.80 2.82 9.47
N ILE A 83 -3.10 1.55 9.79
CA ILE A 83 -4.44 1.12 10.14
C ILE A 83 -4.50 0.71 11.63
N PRO A 84 -5.61 1.14 12.38
CA PRO A 84 -5.85 0.66 13.74
C PRO A 84 -6.35 -0.82 13.82
N SER A 85 -6.03 -1.46 14.97
CA SER A 85 -6.42 -2.86 15.25
C SER A 85 -7.84 -2.97 15.83
N ARG A 86 -8.35 -1.82 16.38
CA ARG A 86 -9.68 -1.73 16.94
C ARG A 86 -10.29 -0.38 16.67
N CYS A 87 -11.64 -0.38 16.44
CA CYS A 87 -12.41 0.84 16.22
C CYS A 87 -12.67 1.56 17.56
N PRO A 88 -12.60 2.96 17.61
CA PRO A 88 -12.94 3.73 18.84
C PRO A 88 -14.44 3.73 19.25
N LYS A 89 -15.32 3.30 18.29
CA LYS A 89 -16.76 3.22 18.55
C LYS A 89 -17.14 1.82 19.08
N CYS A 90 -17.05 0.79 18.21
CA CYS A 90 -17.32 -0.58 18.55
C CYS A 90 -16.08 -1.44 18.34
N LYS A 91 -16.28 -2.78 18.44
CA LYS A 91 -15.22 -3.75 18.22
C LYS A 91 -15.33 -4.42 16.84
N SER A 92 -15.99 -3.68 15.88
CA SER A 92 -16.16 -4.15 14.49
C SER A 92 -14.79 -4.20 13.76
N GLU A 93 -14.38 -5.45 13.45
CA GLU A 93 -13.07 -5.69 12.80
C GLU A 93 -13.15 -5.74 11.25
N TRP A 94 -14.33 -5.30 10.70
CA TRP A 94 -14.58 -5.28 9.27
C TRP A 94 -14.20 -3.94 8.63
N ILE A 95 -12.92 -3.87 8.25
CA ILE A 95 -12.38 -2.65 7.62
C ILE A 95 -11.98 -2.95 6.18
N GLU A 96 -12.31 -1.97 5.30
CA GLU A 96 -11.91 -2.03 3.89
C GLU A 96 -10.60 -1.26 3.72
N GLU A 97 -9.62 -1.89 3.00
CA GLU A 97 -8.29 -1.31 2.81
C GLU A 97 -8.29 -0.24 1.70
N PRO A 98 -7.47 0.90 1.88
CA PRO A 98 -7.39 1.96 0.87
C PRO A 98 -6.63 1.59 -0.43
N ARG A 99 -6.85 2.43 -1.47
CA ARG A 99 -6.24 2.25 -2.77
C ARG A 99 -5.23 3.35 -3.02
N PHE A 100 -4.05 2.91 -3.51
CA PHE A 100 -2.94 3.84 -3.78
C PHE A 100 -2.61 3.83 -5.25
N LYS A 101 -2.60 5.05 -5.84
CA LYS A 101 -2.34 5.22 -7.28
C LYS A 101 -1.46 6.44 -7.54
N LEU A 102 -0.77 6.44 -8.71
CA LEU A 102 0.07 7.54 -9.13
C LEU A 102 -0.38 8.06 -10.46
N GLU A 103 -0.53 9.41 -10.54
CA GLU A 103 -0.98 10.07 -11.76
C GLU A 103 0.06 11.09 -12.21
N ARG A 104 0.24 11.15 -13.56
CA ARG A 104 1.20 12.09 -14.17
C ARG A 104 0.51 13.40 -14.59
N LYS A 105 0.97 14.60 -13.94
CA LYS A 105 0.45 16.06 -14.18
C LYS A 105 1.57 16.98 -14.88
#